data_8HJT
#
_entry.id   8HJT
#
_cell.length_a   78.188
_cell.length_b   78.188
_cell.length_c   299.827
_cell.angle_alpha   90.000
_cell.angle_beta   90.000
_cell.angle_gamma   120.000
#
_symmetry.space_group_name_H-M   'P 32 2 1'
#
loop_
_entity.id
_entity.type
_entity.pdbx_description
1 polymer 'butyrophilin subfamily 2 member A2'
2 polymer 'Butyrophylin 3'
3 non-polymer '(2E)-4-hydroxy-3-methylbut-2-en-1-yl trihydrogen diphosphate'
4 non-polymer '4-(2-HYDROXYETHYL)-1-PIPERAZINE ETHANESULFONIC ACID'
5 water water
#
loop_
_entity_poly.entity_id
_entity_poly.type
_entity_poly.pdbx_seq_one_letter_code
_entity_poly.pdbx_strand_id
1 'polypeptide(L)'
;GAGAGAIKEQLQEELRWRRTLLHAADVVLDPDTAHPELFLSEDRRSVRRGPSRQSIPDNPERFDCQPCVLGLESFSSGRH
YWEVEVENVMVWAVGVCRDSVERKGEALLVPQNGFWTLEMFGNQYRALSSPEKILPLKERLHRVGIFLDYESGDVSFYNM
RDRSHIYTCPRSPFSGPLRPFFRLGSDDSPLFICPAFIGAQGVTVPEGGLVLHRAETHHSLQDQFPGLRAKLE
;
A,B
2 'polypeptide(L)'
;GAGAGARGEKSQAYAEWKKALFQPADVILDPNTANPILLVSDDQRSLQRADERQNLPDNPERFDWHYCVLGCKSFTSGRH
YWEVEVGDRKEWHIGVCQENVERKCWVKMTPENGFWTVGLTDGSKYRALSDPRTKLTVANPPQRVGVFLDYETGEVSFYN
AMDGSHIYTFPHTFFSGPLWPVFRILTLEPTALTICPA
;
C,D
#
# COMPACT_ATOMS: atom_id res chain seq x y z
N THR A 20 4.17 -2.12 -10.06
CA THR A 20 4.74 -3.28 -9.40
C THR A 20 4.40 -3.31 -7.92
N LEU A 21 4.36 -2.14 -7.29
CA LEU A 21 4.08 -2.02 -5.86
C LEU A 21 2.93 -1.05 -5.65
N LEU A 22 1.95 -1.47 -4.85
CA LEU A 22 0.75 -0.67 -4.59
C LEU A 22 0.93 0.15 -3.32
N HIS A 23 0.71 1.46 -3.43
CA HIS A 23 0.87 2.39 -2.31
C HIS A 23 -0.50 2.80 -1.81
N ALA A 24 -0.84 2.36 -0.59
CA ALA A 24 -2.07 2.81 0.07
C ALA A 24 -1.92 4.29 0.44
N ALA A 25 -2.57 5.16 -0.32
CA ALA A 25 -2.37 6.59 -0.15
C ALA A 25 -3.04 7.11 1.11
N ASP A 26 -2.43 8.13 1.71
CA ASP A 26 -2.97 8.83 2.87
C ASP A 26 -3.39 10.21 2.37
N VAL A 27 -4.64 10.31 1.92
CA VAL A 27 -5.13 11.47 1.20
C VAL A 27 -5.66 12.51 2.19
N VAL A 28 -5.26 13.76 2.00
CA VAL A 28 -5.73 14.89 2.80
C VAL A 28 -6.25 15.96 1.84
N LEU A 29 -7.46 16.44 2.09
CA LEU A 29 -8.09 17.39 1.19
C LEU A 29 -7.34 18.72 1.16
N ASP A 30 -7.41 19.39 0.02
CA ASP A 30 -6.77 20.69 -0.17
C ASP A 30 -7.83 21.78 0.00
N PRO A 31 -7.82 22.54 1.10
CA PRO A 31 -8.86 23.56 1.29
C PRO A 31 -8.77 24.72 0.32
N ASP A 32 -7.62 24.95 -0.32
CA ASP A 32 -7.51 26.02 -1.31
C ASP A 32 -8.30 25.70 -2.57
N THR A 33 -8.62 24.43 -2.83
CA THR A 33 -9.42 24.03 -3.97
C THR A 33 -10.87 23.75 -3.60
N ALA A 34 -11.24 23.97 -2.34
CA ALA A 34 -12.56 23.57 -1.86
C ALA A 34 -13.60 24.63 -2.19
N HIS A 35 -14.66 24.22 -2.88
CA HIS A 35 -15.80 25.07 -3.23
C HIS A 35 -16.32 25.76 -1.96
N PRO A 36 -16.81 27.00 -2.06
CA PRO A 36 -17.29 27.70 -0.86
C PRO A 36 -18.40 26.97 -0.12
N GLU A 37 -19.17 26.12 -0.80
CA GLU A 37 -20.24 25.37 -0.13
C GLU A 37 -19.74 24.10 0.54
N LEU A 38 -18.42 23.87 0.56
CA LEU A 38 -17.84 22.66 1.13
C LEU A 38 -17.18 22.99 2.46
N PHE A 39 -17.59 22.30 3.52
CA PHE A 39 -17.04 22.51 4.86
C PHE A 39 -16.18 21.32 5.23
N LEU A 40 -14.89 21.57 5.41
CA LEU A 40 -13.94 20.52 5.74
C LEU A 40 -13.75 20.41 7.25
N SER A 41 -13.38 19.22 7.70
CA SER A 41 -13.06 19.02 9.10
C SER A 41 -11.66 19.53 9.41
N GLU A 42 -11.30 19.50 10.70
CA GLU A 42 -9.99 19.99 11.10
C GLU A 42 -8.88 19.10 10.58
N ASP A 43 -9.11 17.79 10.50
CA ASP A 43 -8.14 16.87 9.92
C ASP A 43 -8.12 16.92 8.40
N ARG A 44 -9.07 17.63 7.78
CA ARG A 44 -9.18 17.76 6.33
C ARG A 44 -9.36 16.41 5.64
N ARG A 45 -9.83 15.40 6.37
CA ARG A 45 -10.06 14.08 5.81
C ARG A 45 -11.54 13.78 5.61
N SER A 46 -12.40 14.77 5.80
CA SER A 46 -13.82 14.63 5.56
C SER A 46 -14.37 16.00 5.17
N VAL A 47 -15.49 15.99 4.47
CA VAL A 47 -16.09 17.24 3.99
C VAL A 47 -17.60 17.10 3.96
N ARG A 48 -18.28 18.17 4.33
CA ARG A 48 -19.73 18.27 4.25
C ARG A 48 -20.10 19.43 3.33
N ARG A 49 -21.36 19.47 2.94
CA ARG A 49 -21.93 20.60 2.22
C ARG A 49 -22.78 21.39 3.21
N GLY A 50 -22.31 22.59 3.55
CA GLY A 50 -22.96 23.39 4.56
C GLY A 50 -24.18 24.13 4.05
N PRO A 51 -25.00 24.62 4.97
CA PRO A 51 -26.21 25.34 4.55
C PRO A 51 -25.92 26.66 3.86
N SER A 52 -24.80 27.31 4.18
CA SER A 52 -24.44 28.59 3.60
C SER A 52 -23.04 28.50 2.97
N ARG A 53 -22.53 29.64 2.52
CA ARG A 53 -21.19 29.73 1.97
C ARG A 53 -20.24 30.35 2.99
N GLN A 54 -18.95 30.12 2.78
CA GLN A 54 -17.93 30.48 3.75
C GLN A 54 -17.39 31.89 3.60
N SER A 55 -17.74 32.59 2.51
CA SER A 55 -17.20 33.92 2.21
C SER A 55 -15.67 33.88 2.17
N ILE A 56 -15.16 33.04 1.27
CA ILE A 56 -13.73 32.79 1.15
C ILE A 56 -13.22 33.46 -0.13
N PRO A 57 -11.91 33.66 -0.28
CA PRO A 57 -11.40 34.25 -1.53
C PRO A 57 -11.58 33.30 -2.71
N ASP A 58 -11.80 33.90 -3.88
CA ASP A 58 -11.96 33.14 -5.11
C ASP A 58 -10.61 33.00 -5.82
N ASN A 59 -9.66 32.39 -5.11
CA ASN A 59 -8.33 32.17 -5.66
C ASN A 59 -8.41 31.25 -6.87
N PRO A 60 -7.41 31.32 -7.77
CA PRO A 60 -7.48 30.53 -9.02
C PRO A 60 -7.48 29.02 -8.80
N GLU A 61 -7.20 28.54 -7.59
CA GLU A 61 -7.16 27.11 -7.32
C GLU A 61 -8.52 26.54 -6.92
N ARG A 62 -9.49 27.40 -6.60
CA ARG A 62 -10.75 26.97 -6.00
C ARG A 62 -11.84 26.82 -7.05
N PHE A 63 -12.60 25.74 -6.94
CA PHE A 63 -13.81 25.59 -7.74
C PHE A 63 -14.85 26.60 -7.28
N ASP A 64 -15.48 27.29 -8.24
CA ASP A 64 -16.45 28.33 -7.91
C ASP A 64 -17.89 27.94 -8.19
N CYS A 65 -18.14 27.08 -9.16
CA CYS A 65 -19.50 26.67 -9.52
C CYS A 65 -19.79 25.21 -9.22
N GLN A 66 -18.83 24.31 -9.47
CA GLN A 66 -19.15 22.93 -9.13
C GLN A 66 -18.53 22.56 -7.79
N PRO A 67 -19.26 21.86 -6.93
CA PRO A 67 -18.78 21.61 -5.56
C PRO A 67 -17.79 20.47 -5.46
N CYS A 68 -16.49 20.77 -5.59
CA CYS A 68 -15.46 19.74 -5.61
C CYS A 68 -14.26 20.18 -4.79
N VAL A 69 -13.43 19.22 -4.43
CA VAL A 69 -12.19 19.46 -3.69
C VAL A 69 -11.25 18.29 -3.98
N LEU A 70 -9.96 18.60 -4.10
CA LEU A 70 -8.97 17.62 -4.50
C LEU A 70 -8.10 17.21 -3.31
N GLY A 71 -7.45 16.07 -3.46
CA GLY A 71 -6.41 15.68 -2.53
C GLY A 71 -5.18 16.55 -2.67
N LEU A 72 -4.36 16.58 -1.62
CA LEU A 72 -3.20 17.45 -1.60
C LEU A 72 -2.09 16.91 -2.50
N GLU A 73 -1.47 15.80 -2.09
CA GLU A 73 -0.35 15.24 -2.85
C GLU A 73 -0.82 14.71 -4.19
N SER A 74 -0.11 15.08 -5.25
CA SER A 74 -0.42 14.65 -6.60
C SER A 74 0.44 13.45 -7.00
N PHE A 75 -0.03 12.74 -8.02
CA PHE A 75 0.65 11.55 -8.51
C PHE A 75 1.05 11.75 -9.97
N SER A 76 2.24 11.28 -10.32
CA SER A 76 2.68 11.30 -11.71
C SER A 76 3.31 9.98 -12.15
N SER A 77 3.39 8.98 -11.29
CA SER A 77 3.94 7.67 -11.63
C SER A 77 3.66 6.71 -10.48
N GLY A 78 3.42 5.44 -10.83
CA GLY A 78 3.26 4.39 -9.85
C GLY A 78 1.81 4.02 -9.62
N ARG A 79 1.62 3.09 -8.69
CA ARG A 79 0.31 2.57 -8.32
C ARG A 79 -0.07 3.10 -6.94
N HIS A 80 -1.26 3.70 -6.85
CA HIS A 80 -1.77 4.24 -5.60
C HIS A 80 -3.26 3.98 -5.51
N TYR A 81 -3.77 3.94 -4.28
CA TYR A 81 -5.19 3.72 -4.06
C TYR A 81 -5.57 4.25 -2.68
N TRP A 82 -6.82 4.72 -2.59
CA TRP A 82 -7.37 5.22 -1.34
C TRP A 82 -8.83 4.83 -1.24
N GLU A 83 -9.30 4.64 -0.02
CA GLU A 83 -10.67 4.23 0.25
C GLU A 83 -11.47 5.42 0.77
N VAL A 84 -12.73 5.50 0.38
CA VAL A 84 -13.61 6.62 0.75
C VAL A 84 -14.93 6.04 1.25
N GLU A 85 -15.38 6.49 2.42
CA GLU A 85 -16.67 6.08 2.97
C GLU A 85 -17.72 7.06 2.48
N VAL A 86 -18.65 6.57 1.65
CA VAL A 86 -19.66 7.39 1.01
C VAL A 86 -21.07 6.98 1.46
N GLU A 87 -21.19 6.35 2.62
CA GLU A 87 -22.48 5.84 3.07
C GLU A 87 -23.45 6.99 3.35
N ASN A 88 -24.71 6.78 2.97
CA ASN A 88 -25.79 7.74 3.22
C ASN A 88 -25.53 9.07 2.51
N VAL A 89 -24.93 8.99 1.33
CA VAL A 89 -24.72 10.16 0.48
C VAL A 89 -25.42 9.91 -0.85
N MET A 90 -26.39 10.76 -1.17
CA MET A 90 -27.24 10.51 -2.34
C MET A 90 -26.59 10.99 -3.63
N VAL A 91 -25.87 12.11 -3.60
CA VAL A 91 -25.24 12.69 -4.79
C VAL A 91 -23.77 12.91 -4.45
N TRP A 92 -22.90 12.05 -4.98
CA TRP A 92 -21.47 12.18 -4.78
C TRP A 92 -20.74 11.74 -6.04
N ALA A 93 -19.49 12.17 -6.15
CA ALA A 93 -18.63 11.78 -7.26
C ALA A 93 -17.19 11.77 -6.77
N VAL A 94 -16.47 10.68 -7.04
CA VAL A 94 -15.07 10.55 -6.64
C VAL A 94 -14.28 9.95 -7.78
N GLY A 95 -12.98 10.14 -7.72
CA GLY A 95 -12.08 9.60 -8.74
C GLY A 95 -10.78 10.38 -8.77
N VAL A 96 -10.16 10.38 -9.93
CA VAL A 96 -8.90 11.07 -10.17
C VAL A 96 -9.14 12.16 -11.21
N CYS A 97 -8.41 13.27 -11.07
CA CYS A 97 -8.45 14.34 -12.05
C CYS A 97 -7.05 14.87 -12.28
N ARG A 98 -6.88 15.56 -13.41
CA ARG A 98 -5.59 16.16 -13.73
C ARG A 98 -5.34 17.35 -12.82
N ASP A 99 -4.05 17.61 -12.56
CA ASP A 99 -3.66 18.82 -11.83
C ASP A 99 -3.96 20.08 -12.62
N SER A 100 -4.19 19.95 -13.93
CA SER A 100 -4.34 21.07 -14.82
C SER A 100 -5.79 21.45 -15.09
N VAL A 101 -6.76 20.72 -14.51
CA VAL A 101 -8.15 20.87 -14.93
C VAL A 101 -8.68 22.24 -14.51
N GLU A 102 -9.57 22.79 -15.35
CA GLU A 102 -10.10 24.12 -15.10
C GLU A 102 -10.99 24.11 -13.88
N ARG A 103 -10.72 25.03 -12.95
CA ARG A 103 -11.46 25.08 -11.69
C ARG A 103 -12.76 25.89 -11.84
N LYS A 104 -12.73 26.96 -12.61
CA LYS A 104 -13.88 27.85 -12.75
C LYS A 104 -14.81 27.35 -13.87
N GLY A 105 -16.10 27.57 -13.67
CA GLY A 105 -17.10 27.20 -14.64
C GLY A 105 -17.89 25.99 -14.19
N GLU A 106 -18.74 25.50 -15.11
CA GLU A 106 -19.61 24.37 -14.86
C GLU A 106 -19.35 23.23 -15.85
N ALA A 107 -18.13 23.15 -16.37
CA ALA A 107 -17.79 22.13 -17.37
C ALA A 107 -18.02 20.74 -16.80
N LEU A 108 -18.35 19.81 -17.70
CA LEU A 108 -18.69 18.45 -17.28
C LEU A 108 -17.45 17.72 -16.75
N LEU A 109 -17.67 16.88 -15.74
CA LEU A 109 -16.59 16.10 -15.14
C LEU A 109 -16.37 14.82 -15.95
N VAL A 110 -15.87 15.01 -17.16
CA VAL A 110 -15.68 13.92 -18.12
C VAL A 110 -14.19 13.80 -18.41
N PRO A 111 -13.75 12.65 -18.92
CA PRO A 111 -12.30 12.47 -19.17
C PRO A 111 -11.70 13.49 -20.12
N GLN A 112 -12.49 14.00 -21.08
CA GLN A 112 -11.96 15.00 -22.00
C GLN A 112 -11.56 16.26 -21.26
N ASN A 113 -12.31 16.63 -20.23
CA ASN A 113 -11.99 17.79 -19.41
C ASN A 113 -11.00 17.49 -18.30
N GLY A 114 -10.57 16.24 -18.17
CA GLY A 114 -9.59 15.87 -17.18
C GLY A 114 -10.13 15.25 -15.91
N PHE A 115 -11.31 14.62 -15.96
CA PHE A 115 -11.93 14.04 -14.78
C PHE A 115 -12.32 12.60 -15.09
N TRP A 116 -11.72 11.66 -14.37
CA TRP A 116 -12.11 10.24 -14.41
C TRP A 116 -12.79 9.94 -13.08
N THR A 117 -14.11 9.87 -13.09
CA THR A 117 -14.89 9.90 -11.86
C THR A 117 -15.91 8.77 -11.84
N LEU A 118 -16.19 8.29 -10.62
CA LEU A 118 -17.32 7.42 -10.35
C LEU A 118 -18.33 8.21 -9.53
N GLU A 119 -19.59 8.22 -9.99
CA GLU A 119 -20.58 9.14 -9.47
C GLU A 119 -21.86 8.40 -9.08
N MET A 120 -22.50 8.87 -8.01
CA MET A 120 -23.86 8.48 -7.68
C MET A 120 -24.77 9.68 -7.93
N PHE A 121 -25.74 9.52 -8.83
CA PHE A 121 -26.62 10.60 -9.23
C PHE A 121 -28.00 10.01 -9.50
N GLY A 122 -29.03 10.59 -8.88
CA GLY A 122 -30.37 10.06 -9.05
C GLY A 122 -30.52 8.62 -8.58
N ASN A 123 -29.92 8.28 -7.43
CA ASN A 123 -29.98 6.95 -6.85
C ASN A 123 -29.48 5.88 -7.82
N GLN A 124 -28.55 6.25 -8.70
CA GLN A 124 -27.89 5.31 -9.59
C GLN A 124 -26.38 5.53 -9.50
N TYR A 125 -25.63 4.64 -10.14
CA TYR A 125 -24.19 4.77 -10.26
C TYR A 125 -23.84 5.00 -11.72
N ARG A 126 -23.12 6.08 -12.00
CA ARG A 126 -22.78 6.48 -13.36
C ARG A 126 -21.26 6.61 -13.47
N ALA A 127 -20.70 5.93 -14.46
CA ALA A 127 -19.28 6.04 -14.75
C ALA A 127 -19.03 7.19 -15.70
N LEU A 128 -17.89 7.85 -15.53
CA LEU A 128 -17.49 9.02 -16.31
C LEU A 128 -18.50 10.16 -16.20
N SER A 129 -19.33 10.13 -15.15
CA SER A 129 -20.39 11.12 -14.94
C SER A 129 -21.27 11.26 -16.18
N SER A 130 -21.65 10.13 -16.76
CA SER A 130 -22.43 10.09 -17.99
C SER A 130 -23.77 9.40 -17.74
N PRO A 131 -24.88 10.01 -18.15
CA PRO A 131 -26.17 9.31 -18.06
C PRO A 131 -26.24 8.06 -18.92
N GLU A 132 -25.38 7.94 -19.94
CA GLU A 132 -25.41 6.74 -20.78
C GLU A 132 -24.79 5.56 -20.06
N LYS A 133 -23.72 5.79 -19.30
CA LYS A 133 -22.95 4.71 -18.68
C LYS A 133 -23.43 4.48 -17.24
N ILE A 134 -24.63 3.92 -17.14
CA ILE A 134 -25.20 3.55 -15.85
C ILE A 134 -24.61 2.22 -15.41
N LEU A 135 -24.16 2.15 -14.17
CA LEU A 135 -23.56 0.93 -13.64
C LEU A 135 -24.62 0.08 -12.96
N PRO A 136 -24.91 -1.13 -13.45
CA PRO A 136 -25.99 -1.96 -12.89
C PRO A 136 -25.58 -2.68 -11.62
N LEU A 137 -25.20 -1.90 -10.60
CA LEU A 137 -24.89 -2.47 -9.30
C LEU A 137 -26.18 -2.70 -8.53
N LYS A 138 -26.31 -3.87 -7.92
CA LYS A 138 -27.45 -4.15 -7.07
C LYS A 138 -27.15 -4.00 -5.59
N GLU A 139 -25.88 -3.81 -5.22
CA GLU A 139 -25.50 -3.53 -3.84
C GLU A 139 -25.23 -2.04 -3.68
N ARG A 140 -25.58 -1.50 -2.53
CA ARG A 140 -25.31 -0.10 -2.23
C ARG A 140 -23.88 0.05 -1.72
N LEU A 141 -23.17 1.03 -2.26
CA LEU A 141 -21.78 1.26 -1.91
C LEU A 141 -21.68 2.00 -0.58
N HIS A 142 -20.77 1.54 0.28
CA HIS A 142 -20.51 2.19 1.55
C HIS A 142 -19.08 2.69 1.68
N ARG A 143 -18.10 1.89 1.29
CA ARG A 143 -16.71 2.32 1.20
C ARG A 143 -16.20 1.99 -0.19
N VAL A 144 -15.81 3.01 -0.94
CA VAL A 144 -15.36 2.84 -2.33
C VAL A 144 -13.87 3.15 -2.40
N GLY A 145 -13.11 2.24 -3.00
CA GLY A 145 -11.68 2.42 -3.20
C GLY A 145 -11.41 2.98 -4.59
N ILE A 146 -10.51 3.95 -4.66
CA ILE A 146 -10.12 4.58 -5.91
C ILE A 146 -8.71 4.11 -6.24
N PHE A 147 -8.59 3.31 -7.30
CA PHE A 147 -7.31 2.77 -7.74
C PHE A 147 -6.72 3.63 -8.85
N LEU A 148 -5.41 3.83 -8.80
CA LEU A 148 -4.71 4.61 -9.82
C LEU A 148 -3.45 3.87 -10.23
N ASP A 149 -3.24 3.74 -11.55
CA ASP A 149 -2.03 3.17 -12.11
C ASP A 149 -1.61 4.08 -13.26
N TYR A 150 -0.65 4.98 -12.99
CA TYR A 150 -0.34 6.04 -13.94
C TYR A 150 0.16 5.50 -15.27
N GLU A 151 1.14 4.59 -15.22
CA GLU A 151 1.72 4.07 -16.45
C GLU A 151 0.71 3.28 -17.28
N SER A 152 -0.33 2.75 -16.64
CA SER A 152 -1.36 1.97 -17.31
C SER A 152 -2.53 2.80 -17.80
N GLY A 153 -2.55 4.10 -17.53
CA GLY A 153 -3.75 4.88 -17.78
C GLY A 153 -4.96 4.36 -17.05
N ASP A 154 -4.75 3.63 -15.95
CA ASP A 154 -5.80 2.88 -15.27
C ASP A 154 -6.34 3.68 -14.11
N VAL A 155 -7.64 3.96 -14.14
CA VAL A 155 -8.37 4.51 -13.01
C VAL A 155 -9.52 3.55 -12.73
N SER A 156 -9.40 2.79 -11.65
CA SER A 156 -10.39 1.79 -11.29
C SER A 156 -11.10 2.18 -10.01
N PHE A 157 -12.15 1.43 -9.69
CA PHE A 157 -12.95 1.64 -8.49
C PHE A 157 -13.35 0.28 -7.94
N TYR A 158 -13.46 0.20 -6.62
CA TYR A 158 -13.70 -1.08 -5.96
C TYR A 158 -14.72 -0.92 -4.84
N ASN A 159 -15.54 -1.95 -4.65
CA ASN A 159 -16.44 -2.05 -3.50
C ASN A 159 -15.63 -2.66 -2.35
N MET A 160 -15.25 -1.82 -1.39
CA MET A 160 -14.34 -2.25 -0.34
C MET A 160 -14.99 -3.21 0.65
N ARG A 161 -16.30 -3.45 0.57
CA ARG A 161 -16.91 -4.43 1.44
C ARG A 161 -16.43 -5.84 1.08
N ASP A 162 -16.45 -6.17 -0.20
CA ASP A 162 -16.00 -7.47 -0.69
C ASP A 162 -14.75 -7.37 -1.55
N ARG A 163 -14.12 -6.20 -1.61
CA ARG A 163 -12.93 -5.96 -2.44
C ARG A 163 -13.20 -6.30 -3.90
N SER A 164 -14.45 -6.17 -4.33
CA SER A 164 -14.84 -6.50 -5.69
C SER A 164 -14.62 -5.32 -6.63
N HIS A 165 -14.48 -5.63 -7.91
CA HIS A 165 -14.27 -4.62 -8.93
C HIS A 165 -15.59 -3.93 -9.28
N ILE A 166 -15.52 -2.63 -9.52
CA ILE A 166 -16.69 -1.83 -9.90
C ILE A 166 -16.60 -1.39 -11.35
N TYR A 167 -15.58 -0.61 -11.69
CA TYR A 167 -15.47 -0.04 -13.03
C TYR A 167 -14.04 0.44 -13.24
N THR A 168 -13.49 0.15 -14.42
CA THR A 168 -12.23 0.70 -14.87
C THR A 168 -12.49 1.61 -16.06
N CYS A 169 -12.07 2.87 -15.94
CA CYS A 169 -12.29 3.84 -16.99
C CYS A 169 -11.47 3.51 -18.24
N PRO A 170 -11.91 3.97 -19.41
CA PRO A 170 -11.10 3.76 -20.63
C PRO A 170 -9.68 4.29 -20.45
N ARG A 171 -8.71 3.52 -20.95
CA ARG A 171 -7.32 3.84 -20.72
C ARG A 171 -6.96 5.20 -21.32
N SER A 172 -6.22 5.99 -20.55
CA SER A 172 -5.96 7.38 -20.88
C SER A 172 -4.48 7.70 -20.79
N PRO A 173 -3.88 8.31 -21.82
CA PRO A 173 -2.52 8.84 -21.69
C PRO A 173 -2.52 10.09 -20.83
N PHE A 174 -2.15 9.96 -19.56
CA PHE A 174 -2.39 11.02 -18.59
C PHE A 174 -1.57 12.26 -18.90
N SER A 175 -0.25 12.10 -19.08
CA SER A 175 0.64 13.19 -19.48
C SER A 175 0.47 14.40 -18.57
N GLY A 176 0.91 14.22 -17.33
CA GLY A 176 0.81 15.27 -16.33
C GLY A 176 0.41 14.72 -14.97
N PRO A 177 0.73 15.45 -13.91
CA PRO A 177 0.38 14.99 -12.56
C PRO A 177 -1.11 14.86 -12.37
N LEU A 178 -1.51 13.88 -11.55
CA LEU A 178 -2.91 13.59 -11.27
C LEU A 178 -3.16 13.68 -9.78
N ARG A 179 -4.36 14.13 -9.41
CA ARG A 179 -4.74 14.29 -8.02
C ARG A 179 -6.06 13.59 -7.74
N PRO A 180 -6.27 13.12 -6.51
CA PRO A 180 -7.57 12.59 -6.14
C PRO A 180 -8.65 13.65 -6.29
N PHE A 181 -9.84 13.22 -6.69
CA PHE A 181 -10.96 14.12 -6.96
C PHE A 181 -12.16 13.70 -6.13
N PHE A 182 -12.86 14.70 -5.59
CA PHE A 182 -14.06 14.47 -4.78
C PHE A 182 -15.07 15.55 -5.08
N ARG A 183 -16.30 15.15 -5.38
CA ARG A 183 -17.42 16.06 -5.57
C ARG A 183 -18.55 15.65 -4.64
N LEU A 184 -18.94 16.55 -3.75
CA LEU A 184 -20.07 16.34 -2.86
C LEU A 184 -21.24 17.16 -3.37
N GLY A 185 -22.36 16.50 -3.64
CA GLY A 185 -23.51 17.17 -4.21
C GLY A 185 -24.70 17.24 -3.29
N SER A 186 -24.66 16.48 -2.20
CA SER A 186 -25.72 16.43 -1.21
C SER A 186 -25.28 17.13 0.08
N ASP A 187 -26.27 17.55 0.85
CA ASP A 187 -26.04 18.12 2.18
C ASP A 187 -26.38 17.15 3.29
N ASP A 188 -26.65 15.89 2.97
CA ASP A 188 -27.09 14.90 3.93
C ASP A 188 -25.97 14.50 4.89
N SER A 189 -24.99 13.77 4.38
CA SER A 189 -23.94 13.16 5.17
C SER A 189 -22.58 13.48 4.59
N PRO A 190 -21.54 13.49 5.42
CA PRO A 190 -20.20 13.84 4.92
C PRO A 190 -19.60 12.75 4.03
N LEU A 191 -18.47 13.12 3.42
CA LEU A 191 -17.63 12.22 2.65
C LEU A 191 -16.36 11.98 3.45
N PHE A 192 -16.18 10.75 3.95
CA PHE A 192 -15.02 10.39 4.75
C PHE A 192 -13.96 9.75 3.86
N ILE A 193 -12.76 10.32 3.87
CA ILE A 193 -11.61 9.74 3.18
C ILE A 193 -10.81 8.97 4.23
N CYS A 194 -10.85 7.65 4.13
CA CYS A 194 -10.23 6.79 5.13
C CYS A 194 -8.72 6.98 5.14
N PRO A 195 -8.13 7.38 6.27
CA PRO A 195 -6.68 7.49 6.32
C PRO A 195 -6.01 6.14 6.21
N ALA A 196 -4.73 6.16 5.83
CA ALA A 196 -3.97 4.94 5.71
C ALA A 196 -3.64 4.39 7.10
N PHE A 197 -3.59 3.07 7.20
CA PHE A 197 -3.22 2.41 8.45
C PHE A 197 -1.83 2.88 8.88
N ILE A 198 -1.72 3.31 10.14
CA ILE A 198 -0.44 3.72 10.71
C ILE A 198 -0.08 2.90 11.94
N GLY A 199 -0.80 1.81 12.20
CA GLY A 199 -0.48 0.97 13.34
C GLY A 199 -0.65 1.71 14.64
N ALA A 200 0.36 1.58 15.51
CA ALA A 200 0.38 2.26 16.81
C ALA A 200 1.24 3.52 16.77
N GLN A 201 1.23 4.23 15.64
CA GLN A 201 2.04 5.43 15.52
C GLN A 201 1.61 6.49 16.53
N GLY A 202 2.58 7.01 17.28
CA GLY A 202 2.29 8.04 18.26
C GLY A 202 1.47 7.59 19.44
N VAL A 203 1.34 6.28 19.65
CA VAL A 203 0.54 5.73 20.73
C VAL A 203 1.40 4.75 21.53
N THR A 204 1.27 4.80 22.86
CA THR A 204 1.99 3.88 23.73
C THR A 204 1.33 2.51 23.69
N VAL A 205 2.10 1.49 23.34
CA VAL A 205 1.63 0.11 23.36
C VAL A 205 1.93 -0.46 24.75
N PRO A 206 0.91 -0.78 25.56
CA PRO A 206 1.17 -1.27 26.92
C PRO A 206 1.92 -2.60 26.91
N GLU A 207 2.32 -3.03 28.10
CA GLU A 207 3.06 -4.29 28.22
C GLU A 207 2.22 -5.47 27.75
N GLY A 208 0.91 -5.42 27.95
CA GLY A 208 0.02 -6.44 27.44
C GLY A 208 -0.42 -6.25 26.01
N GLY A 209 0.14 -5.27 25.32
CA GLY A 209 -0.25 -4.96 23.96
C GLY A 209 -1.41 -3.98 23.89
N LEU A 210 -1.52 -3.31 22.75
CA LEU A 210 -2.56 -2.31 22.54
C LEU A 210 -3.83 -3.00 22.04
N VAL A 211 -4.89 -2.94 22.84
CA VAL A 211 -6.13 -3.66 22.59
C VAL A 211 -7.19 -2.68 22.12
N LEU A 212 -7.71 -2.91 20.91
CA LEU A 212 -8.87 -2.21 20.36
C LEU A 212 -8.73 -0.69 20.51
N HIS A 213 -7.73 -0.18 19.79
CA HIS A 213 -7.42 1.25 19.85
C HIS A 213 -8.47 2.05 19.09
N ARG A 214 -9.01 3.07 19.74
CA ARG A 214 -9.94 4.01 19.12
C ARG A 214 -9.43 5.42 19.39
N ALA A 215 -9.09 6.13 18.32
CA ALA A 215 -8.45 7.45 18.42
C ALA A 215 -9.39 8.55 17.95
N GLU A 216 -8.88 9.77 17.99
CA GLU A 216 -9.60 10.94 17.49
C GLU A 216 -8.70 11.77 16.58
N LEU B 21 5.08 6.14 4.26
CA LEU B 21 4.41 5.62 3.08
C LEU B 21 4.04 4.14 3.26
N LEU B 22 2.75 3.86 3.24
CA LEU B 22 2.25 2.51 3.45
C LEU B 22 2.26 1.72 2.14
N HIS B 23 2.67 0.46 2.23
CA HIS B 23 2.74 -0.44 1.09
C HIS B 23 1.65 -1.49 1.22
N ALA B 24 0.81 -1.61 0.20
CA ALA B 24 -0.22 -2.65 0.15
C ALA B 24 0.44 -3.91 -0.40
N ALA B 25 0.98 -4.73 0.49
CA ALA B 25 1.77 -5.88 0.08
C ALA B 25 0.92 -6.92 -0.64
N ASP B 26 1.46 -7.43 -1.75
CA ASP B 26 0.86 -8.54 -2.47
C ASP B 26 1.54 -9.82 -1.98
N VAL B 27 0.86 -10.53 -1.09
CA VAL B 27 1.44 -11.68 -0.41
C VAL B 27 1.02 -12.95 -1.14
N VAL B 28 2.01 -13.68 -1.65
CA VAL B 28 1.81 -15.01 -2.21
C VAL B 28 2.64 -15.99 -1.37
N LEU B 29 2.07 -17.15 -1.12
CA LEU B 29 2.71 -18.09 -0.21
C LEU B 29 3.90 -18.77 -0.87
N ASP B 30 4.80 -19.28 -0.04
CA ASP B 30 5.99 -20.00 -0.49
C ASP B 30 5.80 -21.48 -0.22
N PRO B 31 5.72 -22.34 -1.25
CA PRO B 31 5.48 -23.77 -0.98
C PRO B 31 6.63 -24.45 -0.29
N ASP B 32 7.87 -23.96 -0.49
CA ASP B 32 8.99 -24.42 0.32
C ASP B 32 8.66 -24.30 1.80
N THR B 33 8.36 -23.07 2.23
CA THR B 33 7.95 -22.81 3.60
C THR B 33 6.73 -23.63 4.04
N ALA B 34 5.92 -24.14 3.10
CA ALA B 34 4.60 -24.64 3.45
C ALA B 34 4.70 -25.94 4.23
N HIS B 35 3.56 -26.35 4.76
CA HIS B 35 3.47 -27.52 5.62
C HIS B 35 3.03 -28.74 4.83
N PRO B 36 3.49 -29.93 5.22
CA PRO B 36 3.16 -31.15 4.47
C PRO B 36 1.72 -31.65 4.66
N GLU B 37 0.86 -30.90 5.36
CA GLU B 37 -0.56 -31.22 5.36
C GLU B 37 -1.42 -30.04 4.94
N LEU B 38 -0.84 -28.90 4.62
CA LEU B 38 -1.55 -27.79 4.01
C LEU B 38 -1.43 -27.88 2.50
N PHE B 39 -2.51 -27.52 1.80
CA PHE B 39 -2.57 -27.63 0.34
C PHE B 39 -2.85 -26.27 -0.27
N LEU B 40 -1.81 -25.67 -0.84
CA LEU B 40 -1.93 -24.37 -1.47
C LEU B 40 -2.69 -24.50 -2.80
N SER B 41 -3.30 -23.40 -3.20
CA SER B 41 -3.92 -23.33 -4.52
C SER B 41 -2.84 -23.18 -5.58
N GLU B 42 -3.25 -23.10 -6.85
CA GLU B 42 -2.29 -22.94 -7.93
C GLU B 42 -1.70 -21.53 -7.94
N ASP B 43 -2.51 -20.52 -7.63
CA ASP B 43 -1.99 -19.17 -7.47
C ASP B 43 -1.17 -19.02 -6.19
N ARG B 44 -1.23 -20.00 -5.28
CA ARG B 44 -0.59 -19.93 -3.97
C ARG B 44 -1.09 -18.74 -3.16
N ARG B 45 -2.34 -18.33 -3.41
CA ARG B 45 -2.99 -17.29 -2.63
C ARG B 45 -4.12 -17.84 -1.77
N SER B 46 -4.17 -19.16 -1.60
CA SER B 46 -5.16 -19.80 -0.74
C SER B 46 -4.52 -21.06 -0.17
N VAL B 47 -5.02 -21.49 0.99
CA VAL B 47 -4.52 -22.68 1.65
C VAL B 47 -5.67 -23.39 2.34
N ARG B 48 -5.61 -24.72 2.36
CA ARG B 48 -6.67 -25.54 2.93
C ARG B 48 -6.08 -26.86 3.40
N ARG B 49 -6.70 -27.43 4.43
CA ARG B 49 -6.27 -28.70 5.02
C ARG B 49 -7.33 -29.75 4.78
N GLY B 50 -6.95 -30.85 4.14
CA GLY B 50 -7.85 -31.95 3.88
C GLY B 50 -7.32 -33.26 4.43
N PRO B 51 -8.07 -34.35 4.19
CA PRO B 51 -7.63 -35.66 4.74
C PRO B 51 -6.32 -36.14 4.12
N SER B 52 -6.21 -36.14 2.79
CA SER B 52 -4.94 -36.43 2.14
C SER B 52 -3.87 -35.46 2.63
N ARG B 53 -2.61 -35.91 2.58
CA ARG B 53 -1.48 -35.13 3.06
C ARG B 53 -0.27 -35.34 2.14
N GLN B 54 0.61 -34.33 2.12
CA GLN B 54 1.55 -34.14 1.01
C GLN B 54 2.65 -35.21 0.97
N SER B 55 3.46 -35.29 2.04
CA SER B 55 4.70 -36.06 2.07
C SER B 55 5.71 -35.50 1.06
N ILE B 56 6.19 -34.31 1.41
CA ILE B 56 7.12 -33.48 0.64
C ILE B 56 8.43 -33.58 1.42
N PRO B 57 9.61 -33.19 0.90
CA PRO B 57 10.83 -33.41 1.69
C PRO B 57 11.03 -32.34 2.74
N ASP B 58 11.20 -32.75 3.99
CA ASP B 58 11.32 -31.85 5.13
C ASP B 58 12.73 -31.26 5.16
N ASN B 59 12.96 -30.30 4.27
CA ASN B 59 14.23 -29.59 4.20
C ASN B 59 14.30 -28.56 5.33
N PRO B 60 15.45 -27.89 5.50
CA PRO B 60 15.53 -26.87 6.56
C PRO B 60 14.72 -25.62 6.29
N GLU B 61 14.27 -25.38 5.06
CA GLU B 61 13.55 -24.14 4.74
C GLU B 61 12.07 -24.20 5.05
N ARG B 62 11.60 -25.21 5.80
CA ARG B 62 10.17 -25.48 5.91
C ARG B 62 9.81 -25.92 7.31
N PHE B 63 8.50 -25.98 7.55
CA PHE B 63 7.92 -26.43 8.80
C PHE B 63 7.40 -27.86 8.64
N ASP B 64 7.36 -28.59 9.75
CA ASP B 64 7.04 -30.01 9.69
C ASP B 64 5.95 -30.44 10.66
N CYS B 65 6.09 -30.08 11.94
CA CYS B 65 5.19 -30.58 12.97
C CYS B 65 3.93 -29.72 13.13
N GLN B 66 4.10 -28.39 13.24
CA GLN B 66 2.95 -27.51 13.43
C GLN B 66 2.52 -26.89 12.12
N PRO B 67 1.23 -26.95 11.77
CA PRO B 67 0.78 -26.50 10.44
C PRO B 67 1.01 -25.02 10.19
N CYS B 68 1.99 -24.70 9.33
CA CYS B 68 2.36 -23.32 9.07
C CYS B 68 2.68 -23.15 7.60
N VAL B 69 2.63 -21.90 7.14
CA VAL B 69 3.03 -21.53 5.79
C VAL B 69 3.37 -20.05 5.79
N LEU B 70 4.47 -19.72 5.11
CA LEU B 70 5.01 -18.37 5.11
C LEU B 70 4.91 -17.76 3.72
N GLY B 71 4.87 -16.43 3.67
CA GLY B 71 4.91 -15.74 2.40
C GLY B 71 6.34 -15.62 1.89
N LEU B 72 6.50 -15.72 0.57
CA LEU B 72 7.84 -15.72 -0.02
C LEU B 72 8.54 -14.38 0.21
N GLU B 73 7.87 -13.28 -0.13
CA GLU B 73 8.48 -11.97 0.03
C GLU B 73 8.64 -11.64 1.50
N SER B 74 9.86 -11.32 1.90
CA SER B 74 10.18 -10.97 3.27
C SER B 74 10.58 -9.50 3.35
N PHE B 75 10.08 -8.81 4.36
CA PHE B 75 10.28 -7.37 4.49
C PHE B 75 11.37 -7.06 5.49
N SER B 76 12.08 -5.96 5.26
CA SER B 76 13.14 -5.53 6.15
C SER B 76 13.09 -4.03 6.45
N SER B 77 12.03 -3.32 6.04
CA SER B 77 11.94 -1.88 6.21
C SER B 77 10.50 -1.46 6.02
N GLY B 78 10.25 -0.17 6.26
CA GLY B 78 9.01 0.47 5.85
C GLY B 78 7.72 -0.04 6.44
N ARG B 79 6.59 0.47 5.96
CA ARG B 79 5.26 0.05 6.39
C ARG B 79 4.67 -0.87 5.33
N HIS B 80 4.17 -2.03 5.77
CA HIS B 80 3.55 -2.99 4.87
C HIS B 80 2.31 -3.57 5.53
N TYR B 81 1.31 -3.88 4.73
CA TYR B 81 0.10 -4.48 5.26
C TYR B 81 -0.60 -5.29 4.16
N TRP B 82 -1.42 -6.24 4.60
CA TRP B 82 -2.15 -7.12 3.69
C TRP B 82 -3.37 -7.66 4.42
N GLU B 83 -4.38 -8.04 3.65
CA GLU B 83 -5.64 -8.51 4.18
C GLU B 83 -5.80 -10.02 3.94
N VAL B 84 -6.62 -10.63 4.79
CA VAL B 84 -6.80 -12.08 4.81
C VAL B 84 -8.25 -12.39 5.14
N GLU B 85 -8.90 -13.20 4.30
CA GLU B 85 -10.27 -13.63 4.55
C GLU B 85 -10.26 -14.94 5.32
N VAL B 86 -11.08 -15.00 6.37
CA VAL B 86 -11.13 -16.18 7.24
C VAL B 86 -12.58 -16.56 7.47
N GLU B 87 -13.44 -16.22 6.52
CA GLU B 87 -14.87 -16.47 6.67
C GLU B 87 -15.16 -17.96 6.76
N ASN B 88 -15.99 -18.34 7.74
CA ASN B 88 -16.40 -19.73 7.95
C ASN B 88 -15.20 -20.65 8.19
N VAL B 89 -14.20 -20.14 8.91
CA VAL B 89 -13.04 -20.93 9.33
C VAL B 89 -12.98 -20.89 10.85
N MET B 90 -12.77 -22.05 11.47
CA MET B 90 -12.91 -22.16 12.91
C MET B 90 -11.64 -21.75 13.65
N VAL B 91 -10.50 -22.34 13.28
CA VAL B 91 -9.24 -22.13 13.98
C VAL B 91 -8.20 -21.67 12.98
N TRP B 92 -7.63 -20.48 13.21
CA TRP B 92 -6.58 -19.93 12.36
C TRP B 92 -5.69 -19.04 13.21
N ALA B 93 -4.57 -18.61 12.61
CA ALA B 93 -3.61 -17.77 13.33
C ALA B 93 -2.78 -17.01 12.30
N VAL B 94 -3.16 -15.76 12.04
CA VAL B 94 -2.49 -14.91 11.06
C VAL B 94 -1.58 -13.93 11.78
N GLY B 95 -0.52 -13.51 11.11
CA GLY B 95 0.40 -12.56 11.72
C GLY B 95 1.65 -12.38 10.90
N VAL B 96 2.76 -12.13 11.61
CA VAL B 96 4.06 -11.90 11.00
C VAL B 96 5.11 -12.66 11.80
N CYS B 97 6.07 -13.26 11.09
CA CYS B 97 7.21 -13.89 11.73
C CYS B 97 8.48 -13.48 10.98
N ARG B 98 9.62 -13.83 11.55
CA ARG B 98 10.91 -13.44 10.99
C ARG B 98 11.19 -14.24 9.71
N ASP B 99 12.36 -13.98 9.13
CA ASP B 99 12.95 -14.93 8.19
C ASP B 99 13.96 -15.83 8.86
N SER B 100 14.54 -15.35 9.96
CA SER B 100 15.36 -16.16 10.87
C SER B 100 14.49 -16.85 11.91
N VAL B 101 13.63 -17.74 11.44
CA VAL B 101 12.70 -18.45 12.31
C VAL B 101 13.28 -19.81 12.65
N GLU B 102 12.73 -20.44 13.67
CA GLU B 102 12.89 -21.87 13.81
C GLU B 102 11.85 -22.54 12.92
N ARG B 103 12.30 -23.47 12.09
CA ARG B 103 11.40 -24.16 11.18
C ARG B 103 11.21 -25.63 11.50
N LYS B 104 12.13 -26.22 12.25
CA LYS B 104 12.02 -27.61 12.68
C LYS B 104 11.43 -27.68 14.08
N GLY B 105 10.73 -28.77 14.36
CA GLY B 105 10.16 -28.98 15.66
C GLY B 105 8.82 -28.28 15.84
N GLU B 106 8.38 -28.27 17.11
CA GLU B 106 7.10 -27.67 17.49
C GLU B 106 7.34 -26.81 18.74
N ALA B 107 7.88 -25.63 18.53
CA ALA B 107 8.01 -24.64 19.60
C ALA B 107 6.75 -23.80 19.69
N LEU B 108 6.69 -22.96 20.72
CA LEU B 108 5.57 -22.04 20.87
C LEU B 108 5.78 -20.82 19.98
N LEU B 109 4.74 -20.47 19.22
CA LEU B 109 4.79 -19.31 18.32
C LEU B 109 4.39 -18.05 19.10
N VAL B 110 5.26 -17.69 20.04
CA VAL B 110 5.08 -16.60 20.98
C VAL B 110 6.19 -15.59 20.69
N PRO B 111 5.96 -14.26 20.86
CA PRO B 111 6.98 -13.26 20.53
C PRO B 111 8.42 -13.59 20.92
N GLN B 112 8.62 -14.38 21.98
CA GLN B 112 9.98 -14.73 22.38
C GLN B 112 10.66 -15.59 21.32
N ASN B 113 9.92 -16.44 20.63
CA ASN B 113 10.46 -17.25 19.55
C ASN B 113 10.47 -16.53 18.21
N GLY B 114 9.96 -15.31 18.15
CA GLY B 114 9.93 -14.53 16.94
C GLY B 114 8.64 -14.60 16.15
N PHE B 115 7.50 -14.87 16.79
CA PHE B 115 6.23 -15.06 16.11
C PHE B 115 5.17 -14.20 16.79
N TRP B 116 4.70 -13.18 16.09
CA TRP B 116 3.63 -12.30 16.58
C TRP B 116 2.42 -12.50 15.70
N THR B 117 1.39 -13.15 16.24
CA THR B 117 0.22 -13.54 15.46
C THR B 117 -1.06 -13.18 16.20
N LEU B 118 -2.16 -13.21 15.45
CA LEU B 118 -3.52 -13.10 15.97
C LEU B 118 -4.27 -14.37 15.58
N GLU B 119 -4.92 -15.00 16.56
CA GLU B 119 -5.45 -16.34 16.35
C GLU B 119 -6.91 -16.43 16.80
N MET B 120 -7.56 -17.51 16.36
CA MET B 120 -8.90 -17.88 16.80
C MET B 120 -8.86 -19.29 17.38
N PHE B 121 -9.58 -19.50 18.48
CA PHE B 121 -9.59 -20.80 19.16
C PHE B 121 -10.78 -20.85 20.09
N GLY B 122 -11.58 -21.90 19.97
CA GLY B 122 -12.76 -22.03 20.82
C GLY B 122 -13.76 -20.90 20.63
N ASN B 123 -13.95 -20.45 19.39
CA ASN B 123 -14.79 -19.29 19.08
C ASN B 123 -14.35 -18.07 19.87
N GLN B 124 -13.03 -17.92 20.05
CA GLN B 124 -12.44 -16.81 20.76
C GLN B 124 -11.20 -16.35 20.03
N TYR B 125 -10.85 -15.08 20.22
CA TYR B 125 -9.65 -14.49 19.64
C TYR B 125 -8.64 -14.21 20.74
N ARG B 126 -7.41 -14.68 20.55
CA ARG B 126 -6.37 -14.55 21.54
C ARG B 126 -5.18 -13.82 20.95
N ALA B 127 -4.75 -12.75 21.62
CA ALA B 127 -3.55 -12.03 21.23
C ALA B 127 -2.31 -12.80 21.68
N LEU B 128 -1.25 -12.67 20.90
CA LEU B 128 0.00 -13.41 21.11
C LEU B 128 -0.23 -14.91 21.05
N SER B 129 -1.47 -15.32 20.74
CA SER B 129 -1.83 -16.73 20.65
C SER B 129 -1.45 -17.50 21.91
N SER B 130 -1.70 -16.87 23.07
CA SER B 130 -1.53 -17.53 24.36
C SER B 130 -2.85 -17.47 25.13
N PRO B 131 -3.21 -18.55 25.84
CA PRO B 131 -4.62 -18.74 26.22
C PRO B 131 -5.21 -17.66 27.11
N GLU B 132 -4.41 -16.87 27.83
CA GLU B 132 -4.97 -15.96 28.81
C GLU B 132 -5.07 -14.51 28.32
N LYS B 133 -4.42 -14.16 27.22
CA LYS B 133 -4.54 -12.82 26.65
C LYS B 133 -5.60 -12.86 25.55
N ILE B 134 -6.86 -12.93 25.97
CA ILE B 134 -7.98 -13.08 25.06
C ILE B 134 -8.54 -11.71 24.71
N LEU B 135 -8.79 -11.47 23.42
CA LEU B 135 -9.31 -10.21 22.94
C LEU B 135 -10.83 -10.18 23.02
N PRO B 136 -11.41 -9.09 23.52
CA PRO B 136 -12.88 -8.98 23.67
C PRO B 136 -13.56 -8.35 22.45
N LEU B 137 -13.57 -9.09 21.34
CA LEU B 137 -14.20 -8.63 20.11
C LEU B 137 -15.69 -8.95 20.14
N LYS B 138 -16.51 -7.96 19.74
CA LYS B 138 -17.96 -8.08 19.81
C LYS B 138 -18.57 -8.55 18.49
N GLU B 139 -17.76 -9.01 17.55
CA GLU B 139 -18.27 -9.53 16.28
C GLU B 139 -17.22 -10.45 15.68
N ARG B 140 -17.69 -11.46 14.96
CA ARG B 140 -16.78 -12.41 14.34
C ARG B 140 -16.11 -11.78 13.11
N LEU B 141 -14.81 -12.00 12.98
CA LEU B 141 -14.01 -11.39 11.93
C LEU B 141 -14.06 -12.26 10.67
N HIS B 142 -14.51 -11.66 9.56
CA HIS B 142 -14.53 -12.35 8.28
C HIS B 142 -13.35 -12.01 7.39
N ARG B 143 -12.72 -10.85 7.60
CA ARG B 143 -11.52 -10.47 6.86
C ARG B 143 -10.70 -9.53 7.72
N VAL B 144 -9.49 -9.94 8.08
CA VAL B 144 -8.63 -9.15 8.94
C VAL B 144 -7.44 -8.64 8.12
N GLY B 145 -6.87 -7.54 8.59
CA GLY B 145 -5.66 -7.00 8.00
C GLY B 145 -4.47 -7.23 8.91
N ILE B 146 -3.27 -7.25 8.34
CA ILE B 146 -2.04 -7.48 9.10
C ILE B 146 -1.07 -6.36 8.76
N PHE B 147 -0.86 -5.46 9.72
CA PHE B 147 -0.01 -4.28 9.52
C PHE B 147 1.37 -4.53 10.11
N LEU B 148 2.38 -3.94 9.47
CA LEU B 148 3.76 -4.10 9.92
C LEU B 148 4.55 -2.83 9.63
N ASP B 149 5.09 -2.23 10.69
CA ASP B 149 6.03 -1.12 10.58
C ASP B 149 7.35 -1.58 11.17
N TYR B 150 8.36 -1.75 10.31
CA TYR B 150 9.62 -2.34 10.75
C TYR B 150 10.35 -1.44 11.73
N GLU B 151 10.52 -0.17 11.38
CA GLU B 151 11.25 0.77 12.21
C GLU B 151 10.53 1.13 13.51
N SER B 152 9.37 0.52 13.77
CA SER B 152 8.58 0.85 14.96
C SER B 152 8.28 -0.36 15.83
N GLY B 153 8.74 -1.56 15.46
CA GLY B 153 8.33 -2.76 16.16
C GLY B 153 6.83 -2.96 16.16
N ASP B 154 6.15 -2.45 15.14
CA ASP B 154 4.70 -2.43 15.08
C ASP B 154 4.20 -3.62 14.27
N VAL B 155 3.42 -4.48 14.91
CA VAL B 155 2.68 -5.55 14.24
C VAL B 155 1.24 -5.44 14.71
N SER B 156 0.37 -4.94 13.84
CA SER B 156 -1.01 -4.64 14.20
C SER B 156 -1.97 -5.42 13.31
N PHE B 157 -3.19 -5.59 13.83
CA PHE B 157 -4.26 -6.30 13.12
C PHE B 157 -5.50 -5.42 13.09
N TYR B 158 -6.24 -5.50 11.97
CA TYR B 158 -7.35 -4.60 11.73
C TYR B 158 -8.60 -5.38 11.34
N ASN B 159 -9.75 -4.82 11.71
CA ASN B 159 -11.05 -5.36 11.32
C ASN B 159 -11.45 -4.65 10.03
N MET B 160 -11.19 -5.29 8.89
CA MET B 160 -11.36 -4.65 7.59
C MET B 160 -12.82 -4.35 7.25
N ARG B 161 -13.78 -4.76 8.08
CA ARG B 161 -15.17 -4.36 7.84
C ARG B 161 -15.34 -2.87 8.03
N ASP B 162 -14.88 -2.34 9.17
CA ASP B 162 -14.91 -0.91 9.45
C ASP B 162 -13.50 -0.32 9.49
N ARG B 163 -12.49 -1.08 9.07
CA ARG B 163 -11.09 -0.65 9.12
C ARG B 163 -10.67 -0.23 10.52
N SER B 164 -11.27 -0.85 11.53
CA SER B 164 -11.00 -0.51 12.92
C SER B 164 -9.82 -1.30 13.45
N HIS B 165 -9.17 -0.74 14.47
CA HIS B 165 -8.01 -1.39 15.07
C HIS B 165 -8.46 -2.56 15.95
N ILE B 166 -7.71 -3.66 15.87
CA ILE B 166 -7.98 -4.85 16.69
C ILE B 166 -6.97 -4.98 17.81
N TYR B 167 -5.69 -5.18 17.48
CA TYR B 167 -4.65 -5.38 18.48
C TYR B 167 -3.29 -5.04 17.87
N THR B 168 -2.43 -4.44 18.67
CA THR B 168 -1.04 -4.19 18.31
C THR B 168 -0.14 -4.95 19.28
N CYS B 169 0.75 -5.78 18.73
CA CYS B 169 1.58 -6.62 19.57
C CYS B 169 2.58 -5.77 20.36
N PRO B 170 3.05 -6.29 21.49
CA PRO B 170 4.15 -5.61 22.20
C PRO B 170 5.32 -5.35 21.28
N ARG B 171 5.78 -4.10 21.27
CA ARG B 171 6.77 -3.67 20.28
C ARG B 171 8.03 -4.50 20.38
N SER B 172 8.43 -5.09 19.25
CA SER B 172 9.56 -6.00 19.14
C SER B 172 10.75 -5.33 18.47
N PRO B 173 11.96 -5.52 19.00
CA PRO B 173 13.17 -5.07 18.30
C PRO B 173 13.51 -6.05 17.18
N PHE B 174 13.43 -5.56 15.95
CA PHE B 174 13.56 -6.42 14.78
C PHE B 174 15.03 -6.55 14.39
N SER B 175 15.52 -7.79 14.33
CA SER B 175 16.92 -8.03 13.96
C SER B 175 17.09 -8.04 12.45
N GLY B 176 16.48 -9.01 11.77
CA GLY B 176 16.60 -9.15 10.35
C GLY B 176 15.28 -9.12 9.63
N PRO B 177 15.23 -9.69 8.43
CA PRO B 177 14.00 -9.65 7.63
C PRO B 177 12.89 -10.48 8.26
N LEU B 178 11.66 -9.99 8.13
CA LEU B 178 10.46 -10.70 8.55
C LEU B 178 9.57 -10.94 7.34
N ARG B 179 8.65 -11.88 7.47
CA ARG B 179 7.79 -12.25 6.35
C ARG B 179 6.41 -12.61 6.88
N PRO B 180 5.38 -12.57 6.02
CA PRO B 180 4.04 -12.92 6.47
C PRO B 180 3.97 -14.35 7.01
N PHE B 181 3.07 -14.54 7.97
CA PHE B 181 2.93 -15.80 8.69
C PHE B 181 1.49 -16.26 8.65
N PHE B 182 1.29 -17.56 8.42
CA PHE B 182 -0.05 -18.14 8.35
C PHE B 182 -0.04 -19.53 8.97
N ARG B 183 -1.06 -19.81 9.76
CA ARG B 183 -1.21 -21.10 10.42
C ARG B 183 -2.67 -21.50 10.40
N LEU B 184 -2.96 -22.70 9.91
CA LEU B 184 -4.32 -23.22 9.84
C LEU B 184 -4.38 -24.52 10.60
N GLY B 185 -5.18 -24.55 11.67
CA GLY B 185 -5.54 -25.75 12.37
C GLY B 185 -6.95 -26.21 12.11
N SER B 186 -7.61 -25.61 11.11
CA SER B 186 -9.01 -25.91 10.80
C SER B 186 -9.07 -26.65 9.47
N ASP B 187 -9.72 -27.82 9.48
CA ASP B 187 -9.90 -28.62 8.28
C ASP B 187 -11.09 -28.19 7.44
N ASP B 188 -11.90 -27.23 7.92
CA ASP B 188 -13.23 -27.03 7.36
C ASP B 188 -13.21 -26.27 6.04
N SER B 189 -12.52 -25.14 5.98
CA SER B 189 -12.63 -24.23 4.85
C SER B 189 -11.29 -23.55 4.59
N PRO B 190 -11.02 -23.14 3.35
CA PRO B 190 -9.71 -22.57 3.05
C PRO B 190 -9.53 -21.14 3.56
N LEU B 191 -8.28 -20.78 3.79
CA LEU B 191 -7.89 -19.46 4.23
C LEU B 191 -7.41 -18.66 3.02
N PHE B 192 -8.03 -17.51 2.78
CA PHE B 192 -7.78 -16.72 1.58
C PHE B 192 -6.91 -15.51 1.90
N ILE B 193 -5.90 -15.29 1.08
CA ILE B 193 -5.02 -14.12 1.18
C ILE B 193 -5.46 -13.12 0.12
N CYS B 194 -5.82 -11.91 0.54
CA CYS B 194 -6.33 -10.91 -0.40
C CYS B 194 -5.19 -10.36 -1.25
N PRO B 195 -5.24 -10.54 -2.57
CA PRO B 195 -4.20 -9.96 -3.43
C PRO B 195 -4.33 -8.45 -3.50
N ALA B 196 -3.20 -7.80 -3.79
CA ALA B 196 -3.21 -6.37 -3.97
C ALA B 196 -4.05 -5.99 -5.19
N PHE B 197 -4.66 -4.81 -5.12
CA PHE B 197 -5.44 -4.30 -6.24
C PHE B 197 -4.54 -4.12 -7.45
N ILE B 198 -4.91 -4.77 -8.56
CA ILE B 198 -4.13 -4.70 -9.79
C ILE B 198 -4.83 -3.93 -10.89
N GLY B 199 -6.05 -3.44 -10.65
CA GLY B 199 -6.74 -2.67 -11.66
C GLY B 199 -7.09 -3.52 -12.86
N ALA B 200 -6.86 -2.98 -14.05
CA ALA B 200 -7.12 -3.69 -15.30
C ALA B 200 -5.88 -4.35 -15.87
N GLN B 201 -4.91 -4.68 -15.02
CA GLN B 201 -3.65 -5.26 -15.48
C GLN B 201 -3.90 -6.57 -16.21
N GLY B 202 -3.28 -6.73 -17.38
CA GLY B 202 -3.42 -7.93 -18.19
C GLY B 202 -4.79 -8.15 -18.79
N VAL B 203 -5.65 -7.14 -18.80
CA VAL B 203 -7.02 -7.26 -19.27
C VAL B 203 -7.29 -6.15 -20.27
N THR B 204 -7.93 -6.50 -21.39
CA THR B 204 -8.31 -5.51 -22.38
C THR B 204 -9.41 -4.61 -21.82
N VAL B 205 -9.19 -3.30 -21.90
CA VAL B 205 -10.19 -2.31 -21.52
C VAL B 205 -10.92 -1.87 -22.78
N PRO B 206 -12.22 -2.12 -22.88
CA PRO B 206 -12.96 -1.69 -24.09
C PRO B 206 -13.05 -0.17 -24.21
N GLU B 207 -13.71 0.30 -25.28
CA GLU B 207 -13.88 1.73 -25.48
C GLU B 207 -14.67 2.37 -24.35
N GLY B 208 -15.59 1.62 -23.74
CA GLY B 208 -16.38 2.11 -22.63
C GLY B 208 -15.85 1.75 -21.26
N GLY B 209 -14.79 0.95 -21.18
CA GLY B 209 -14.24 0.55 -19.91
C GLY B 209 -14.80 -0.77 -19.42
N LEU B 210 -14.10 -1.36 -18.45
CA LEU B 210 -14.54 -2.60 -17.83
C LEU B 210 -15.61 -2.32 -16.78
N VAL B 211 -16.66 -3.12 -16.78
CA VAL B 211 -17.77 -2.96 -15.84
C VAL B 211 -17.92 -4.25 -15.05
N LEU B 212 -17.71 -4.17 -13.74
CA LEU B 212 -17.90 -5.30 -12.82
C LEU B 212 -17.11 -6.53 -13.26
N HIS B 213 -15.82 -6.32 -13.50
CA HIS B 213 -14.92 -7.40 -13.89
C HIS B 213 -14.84 -8.44 -12.78
N ARG B 214 -14.84 -9.71 -13.17
CA ARG B 214 -14.79 -10.81 -12.21
C ARG B 214 -13.58 -11.72 -12.43
N ALA B 215 -13.47 -12.36 -13.58
CA ALA B 215 -12.33 -13.25 -13.86
C ALA B 215 -12.18 -13.48 -15.36
N LYS C 19 12.62 -10.64 -58.94
CA LYS C 19 11.42 -11.16 -59.60
C LYS C 19 10.47 -11.80 -58.59
N ALA C 20 10.98 -12.07 -57.40
CA ALA C 20 10.19 -12.76 -56.38
C ALA C 20 9.03 -11.89 -55.92
N LEU C 21 7.93 -12.54 -55.55
CA LEU C 21 6.74 -11.82 -55.12
C LEU C 21 6.99 -11.12 -53.79
N PHE C 22 7.53 -11.85 -52.82
CA PHE C 22 7.88 -11.27 -51.53
C PHE C 22 9.07 -12.06 -50.97
N GLN C 23 9.57 -11.59 -49.82
CA GLN C 23 10.64 -12.30 -49.13
C GLN C 23 10.07 -13.03 -47.94
N PRO C 24 10.08 -14.36 -47.91
CA PRO C 24 9.57 -15.08 -46.73
C PRO C 24 10.47 -14.83 -45.54
N ALA C 25 9.88 -14.32 -44.46
CA ALA C 25 10.64 -13.95 -43.26
C ALA C 25 10.76 -15.15 -42.34
N ASP C 26 11.99 -15.47 -41.94
CA ASP C 26 12.25 -16.50 -40.93
C ASP C 26 12.32 -15.81 -39.58
N VAL C 27 11.14 -15.60 -38.99
CA VAL C 27 10.99 -14.80 -37.79
C VAL C 27 11.25 -15.67 -36.57
N ILE C 28 12.19 -15.26 -35.72
CA ILE C 28 12.42 -15.88 -34.42
C ILE C 28 12.23 -14.82 -33.34
N LEU C 29 11.61 -15.22 -32.24
CA LEU C 29 11.29 -14.28 -31.17
C LEU C 29 12.55 -13.76 -30.50
N ASP C 30 12.56 -12.46 -30.20
CA ASP C 30 13.67 -11.83 -29.50
C ASP C 30 13.37 -11.85 -28.01
N PRO C 31 14.05 -12.68 -27.22
CA PRO C 31 13.78 -12.71 -25.77
C PRO C 31 14.15 -11.42 -25.05
N ASN C 32 15.10 -10.64 -25.60
CA ASN C 32 15.51 -9.40 -24.96
C ASN C 32 14.48 -8.29 -25.08
N THR C 33 13.45 -8.48 -25.90
CA THR C 33 12.37 -7.51 -26.01
C THR C 33 11.10 -7.95 -25.31
N ALA C 34 10.97 -9.24 -24.98
CA ALA C 34 9.72 -9.77 -24.46
C ALA C 34 9.43 -9.22 -23.07
N ASN C 35 8.14 -8.99 -22.80
CA ASN C 35 7.64 -8.60 -21.48
C ASN C 35 8.10 -9.62 -20.46
N PRO C 36 8.40 -9.20 -19.23
CA PRO C 36 8.84 -10.18 -18.22
C PRO C 36 7.85 -11.31 -17.97
N ILE C 37 6.60 -11.16 -18.40
CA ILE C 37 5.59 -12.20 -18.19
C ILE C 37 5.55 -13.22 -19.33
N LEU C 38 6.27 -12.97 -20.42
CA LEU C 38 6.27 -13.88 -21.56
C LEU C 38 7.38 -14.93 -21.42
N LEU C 39 7.17 -16.07 -22.07
CA LEU C 39 8.12 -17.18 -22.06
C LEU C 39 8.45 -17.54 -23.50
N VAL C 40 9.68 -17.25 -23.91
CA VAL C 40 10.15 -17.59 -25.25
C VAL C 40 10.78 -18.97 -25.22
N SER C 41 10.43 -19.79 -26.21
CA SER C 41 10.92 -21.16 -26.28
C SER C 41 12.42 -21.18 -26.55
N ASP C 42 12.99 -22.39 -26.57
CA ASP C 42 14.41 -22.53 -26.85
C ASP C 42 14.72 -22.28 -28.32
N ASP C 43 13.82 -22.70 -29.21
CA ASP C 43 13.96 -22.41 -30.64
C ASP C 43 13.42 -21.04 -31.02
N GLN C 44 12.94 -20.26 -30.05
CA GLN C 44 12.46 -18.89 -30.29
C GLN C 44 11.32 -18.86 -31.29
N ARG C 45 10.51 -19.93 -31.33
CA ARG C 45 9.36 -19.99 -32.21
C ARG C 45 8.03 -19.95 -31.48
N SER C 46 7.99 -20.47 -30.25
CA SER C 46 6.75 -20.52 -29.47
C SER C 46 6.78 -19.46 -28.38
N LEU C 47 5.61 -18.88 -28.12
CA LEU C 47 5.44 -17.88 -27.07
C LEU C 47 4.37 -18.32 -26.09
N GLN C 48 4.65 -18.13 -24.80
CA GLN C 48 3.74 -18.53 -23.73
C GLN C 48 3.82 -17.48 -22.62
N ARG C 49 2.86 -17.52 -21.71
CA ARG C 49 2.79 -16.60 -20.59
C ARG C 49 3.12 -17.33 -19.29
N ALA C 50 3.38 -16.53 -18.25
CA ALA C 50 3.74 -17.02 -16.93
C ALA C 50 2.76 -16.49 -15.90
N ASP C 51 2.83 -17.05 -14.69
CA ASP C 51 1.94 -16.63 -13.61
C ASP C 51 2.19 -15.17 -13.24
N GLU C 52 3.43 -14.83 -12.90
CA GLU C 52 3.83 -13.47 -12.61
C GLU C 52 5.10 -13.15 -13.39
N ARG C 53 5.42 -11.86 -13.44
CA ARG C 53 6.56 -11.40 -14.23
C ARG C 53 7.87 -11.99 -13.73
N GLN C 54 8.78 -12.25 -14.66
CA GLN C 54 10.12 -12.69 -14.31
C GLN C 54 10.98 -11.51 -13.84
N ASN C 55 12.17 -11.84 -13.33
CA ASN C 55 13.12 -10.83 -12.90
C ASN C 55 14.14 -10.64 -14.01
N LEU C 56 13.77 -9.82 -15.00
CA LEU C 56 14.62 -9.50 -16.13
C LEU C 56 14.92 -8.01 -16.14
N PRO C 57 16.14 -7.63 -16.56
CA PRO C 57 16.48 -6.20 -16.59
C PRO C 57 15.56 -5.41 -17.51
N ASP C 58 15.31 -4.16 -17.14
CA ASP C 58 14.40 -3.29 -17.90
C ASP C 58 15.17 -2.50 -18.95
N ASN C 59 15.77 -3.22 -19.89
CA ASN C 59 16.49 -2.60 -20.99
C ASN C 59 15.51 -1.88 -21.93
N PRO C 60 16.00 -0.88 -22.66
CA PRO C 60 15.08 -0.07 -23.50
C PRO C 60 14.29 -0.87 -24.51
N GLU C 61 14.82 -1.98 -25.00
CA GLU C 61 14.16 -2.76 -26.04
C GLU C 61 13.00 -3.60 -25.52
N ARG C 62 12.84 -3.70 -24.21
CA ARG C 62 11.84 -4.58 -23.61
C ARG C 62 10.51 -3.86 -23.42
N PHE C 63 9.43 -4.48 -23.88
CA PHE C 63 8.08 -4.00 -23.62
C PHE C 63 7.76 -4.25 -22.15
N ASP C 64 7.90 -3.22 -21.32
CA ASP C 64 7.69 -3.40 -19.89
C ASP C 64 6.22 -3.46 -19.52
N TRP C 65 5.37 -2.72 -20.24
CA TRP C 65 3.95 -2.68 -19.91
C TRP C 65 3.15 -3.67 -20.74
N HIS C 66 3.16 -3.50 -22.06
CA HIS C 66 2.43 -4.40 -22.93
C HIS C 66 3.07 -5.79 -22.93
N TYR C 67 2.22 -6.81 -23.04
CA TYR C 67 2.68 -8.20 -23.05
C TYR C 67 3.17 -8.58 -24.45
N CYS C 68 4.11 -7.79 -24.94
CA CYS C 68 4.55 -7.85 -26.33
C CYS C 68 5.98 -8.40 -26.42
N VAL C 69 6.31 -8.89 -27.60
CA VAL C 69 7.66 -9.37 -27.92
C VAL C 69 7.91 -9.09 -29.39
N LEU C 70 9.16 -8.77 -29.72
CA LEU C 70 9.56 -8.46 -31.09
C LEU C 70 10.30 -9.63 -31.71
N GLY C 71 10.50 -9.55 -33.02
CA GLY C 71 11.43 -10.41 -33.71
C GLY C 71 12.85 -9.90 -33.58
N CYS C 72 13.78 -10.65 -34.15
CA CYS C 72 15.20 -10.32 -34.04
C CYS C 72 15.71 -9.45 -35.17
N LYS C 73 15.15 -9.59 -36.37
CA LYS C 73 15.51 -8.77 -37.50
C LYS C 73 14.31 -7.94 -37.93
N SER C 74 14.58 -6.70 -38.35
CA SER C 74 13.54 -5.76 -38.74
C SER C 74 13.44 -5.70 -40.26
N PHE C 75 12.55 -4.81 -40.74
CA PHE C 75 12.37 -4.59 -42.16
C PHE C 75 12.49 -3.10 -42.44
N THR C 76 13.44 -2.74 -43.30
CA THR C 76 13.60 -1.35 -43.73
C THR C 76 12.95 -1.07 -45.07
N SER C 77 12.66 -2.10 -45.85
CA SER C 77 12.09 -1.97 -47.19
C SER C 77 11.64 -3.36 -47.64
N GLY C 78 11.07 -3.41 -48.84
CA GLY C 78 10.70 -4.67 -49.44
C GLY C 78 9.38 -5.22 -48.94
N ARG C 79 9.01 -6.36 -49.51
CA ARG C 79 7.78 -7.06 -49.16
C ARG C 79 8.16 -8.34 -48.41
N HIS C 80 7.47 -8.58 -47.30
CA HIS C 80 7.79 -9.70 -46.44
C HIS C 80 6.51 -10.40 -45.99
N TYR C 81 6.64 -11.68 -45.65
CA TYR C 81 5.51 -12.50 -45.30
C TYR C 81 5.95 -13.60 -44.34
N TRP C 82 5.11 -13.88 -43.35
CA TRP C 82 5.36 -15.00 -42.44
C TRP C 82 4.03 -15.50 -41.90
N GLU C 83 4.03 -16.76 -41.48
CA GLU C 83 2.83 -17.41 -40.97
C GLU C 83 3.00 -17.73 -39.49
N VAL C 84 1.94 -17.49 -38.72
CA VAL C 84 1.92 -17.71 -37.28
C VAL C 84 0.80 -18.68 -36.95
N GLU C 85 1.12 -19.73 -36.19
CA GLU C 85 0.15 -20.74 -35.79
C GLU C 85 -0.51 -20.31 -34.48
N VAL C 86 -1.79 -19.95 -34.55
CA VAL C 86 -2.54 -19.52 -33.38
C VAL C 86 -3.31 -20.67 -32.75
N GLY C 87 -3.83 -21.59 -33.57
CA GLY C 87 -4.48 -22.78 -33.03
C GLY C 87 -5.68 -22.47 -32.18
N ASP C 88 -5.81 -23.20 -31.07
CA ASP C 88 -6.96 -23.09 -30.17
C ASP C 88 -6.85 -21.91 -29.21
N ARG C 89 -5.88 -21.01 -29.41
CA ARG C 89 -5.68 -19.91 -28.47
C ARG C 89 -6.90 -19.00 -28.45
N LYS C 90 -7.32 -18.63 -27.24
CA LYS C 90 -8.47 -17.75 -27.07
C LYS C 90 -8.09 -16.28 -27.16
N GLU C 91 -6.82 -15.94 -26.98
CA GLU C 91 -6.36 -14.57 -27.04
C GLU C 91 -5.00 -14.51 -27.71
N TRP C 92 -4.86 -13.62 -28.68
CA TRP C 92 -3.58 -13.36 -29.35
C TRP C 92 -3.73 -12.14 -30.23
N HIS C 93 -2.63 -11.43 -30.44
CA HIS C 93 -2.59 -10.28 -31.35
C HIS C 93 -1.20 -10.19 -31.93
N ILE C 94 -1.11 -10.08 -33.27
CA ILE C 94 0.17 -10.09 -33.98
C ILE C 94 0.14 -8.99 -35.04
N GLY C 95 1.31 -8.73 -35.60
CA GLY C 95 1.45 -7.74 -36.65
C GLY C 95 2.87 -7.18 -36.68
N VAL C 96 2.96 -5.89 -37.02
CA VAL C 96 4.22 -5.17 -37.11
C VAL C 96 4.14 -3.92 -36.24
N CYS C 97 5.28 -3.27 -36.05
CA CYS C 97 5.34 -2.01 -35.33
C CYS C 97 6.69 -1.34 -35.60
N GLN C 98 6.72 -0.03 -35.36
CA GLN C 98 7.92 0.78 -35.58
C GLN C 98 8.89 0.64 -34.40
N GLU C 99 10.15 0.94 -34.66
CA GLU C 99 11.17 0.83 -33.62
C GLU C 99 10.99 1.87 -32.51
N ASN C 100 10.34 3.00 -32.82
CA ASN C 100 10.19 4.10 -31.87
C ASN C 100 8.91 3.99 -31.05
N VAL C 101 8.26 2.82 -31.03
CA VAL C 101 7.04 2.66 -30.26
C VAL C 101 7.34 2.81 -28.77
N GLU C 102 6.33 3.22 -28.02
CA GLU C 102 6.46 3.37 -26.58
C GLU C 102 6.41 1.99 -25.92
N ARG C 103 7.44 1.68 -25.13
CA ARG C 103 7.58 0.35 -24.55
C ARG C 103 7.54 0.32 -23.02
N LYS C 104 7.61 1.47 -22.36
CA LYS C 104 7.74 1.49 -20.90
C LYS C 104 6.44 1.83 -20.19
N CYS C 105 5.40 2.24 -20.90
CA CYS C 105 4.10 2.51 -20.31
C CYS C 105 3.03 2.15 -21.32
N TRP C 106 1.78 2.17 -20.88
CA TRP C 106 0.68 1.83 -21.79
C TRP C 106 0.54 2.88 -22.88
N VAL C 107 0.37 2.40 -24.10
CA VAL C 107 -0.07 3.22 -25.22
C VAL C 107 -1.07 2.38 -26.00
N LYS C 108 -2.09 3.03 -26.56
CA LYS C 108 -3.08 2.31 -27.34
C LYS C 108 -2.42 1.79 -28.62
N MET C 109 -2.36 0.46 -28.75
CA MET C 109 -1.71 -0.14 -29.91
C MET C 109 -2.54 0.11 -31.17
N THR C 110 -2.30 1.23 -31.82
CA THR C 110 -2.96 1.63 -33.05
C THR C 110 -1.91 2.08 -34.05
N PRO C 111 -2.24 2.08 -35.34
CA PRO C 111 -1.31 2.66 -36.33
C PRO C 111 -0.92 4.08 -36.00
N GLU C 112 -1.81 4.83 -35.36
CA GLU C 112 -1.48 6.18 -34.90
C GLU C 112 -0.27 6.16 -33.97
N ASN C 113 -0.20 5.16 -33.10
CA ASN C 113 0.94 4.98 -32.20
C ASN C 113 2.00 4.04 -32.77
N GLY C 114 1.85 3.64 -34.03
CA GLY C 114 2.84 2.80 -34.67
C GLY C 114 2.66 1.32 -34.45
N PHE C 115 1.41 0.86 -34.31
CA PHE C 115 1.11 -0.56 -34.09
C PHE C 115 0.08 -1.01 -35.12
N TRP C 116 0.50 -1.87 -36.04
CA TRP C 116 -0.41 -2.47 -37.01
C TRP C 116 -0.66 -3.90 -36.57
N THR C 117 -1.80 -4.14 -35.92
CA THR C 117 -2.05 -5.39 -35.22
C THR C 117 -3.51 -5.79 -35.37
N VAL C 118 -3.73 -7.10 -35.52
CA VAL C 118 -5.04 -7.70 -35.43
C VAL C 118 -4.91 -8.92 -34.52
N GLY C 119 -6.05 -9.45 -34.09
CA GLY C 119 -6.01 -10.63 -33.27
C GLY C 119 -7.38 -11.03 -32.77
N LEU C 120 -7.36 -11.88 -31.74
CA LEU C 120 -8.56 -12.49 -31.18
C LEU C 120 -8.59 -12.27 -29.67
N THR C 121 -9.79 -11.98 -29.14
CA THR C 121 -10.00 -11.87 -27.71
C THR C 121 -11.29 -12.60 -27.36
N ASP C 122 -11.34 -13.14 -26.14
CA ASP C 122 -12.47 -13.92 -25.63
C ASP C 122 -12.81 -15.11 -26.54
N GLY C 123 -11.82 -15.60 -27.31
CA GLY C 123 -12.01 -16.75 -28.17
C GLY C 123 -12.96 -16.58 -29.32
N SER C 124 -13.67 -15.45 -29.41
CA SER C 124 -14.70 -15.27 -30.43
C SER C 124 -14.70 -13.91 -31.10
N LYS C 125 -14.18 -12.86 -30.47
CA LYS C 125 -14.25 -11.50 -30.99
C LYS C 125 -12.93 -11.15 -31.67
N TYR C 126 -12.94 -11.19 -33.00
CA TYR C 126 -11.77 -10.82 -33.79
C TYR C 126 -11.76 -9.31 -34.02
N ARG C 127 -10.59 -8.70 -33.85
CA ARG C 127 -10.47 -7.26 -33.91
C ARG C 127 -9.21 -6.85 -34.67
N ALA C 128 -9.33 -5.78 -35.46
CA ALA C 128 -8.18 -5.06 -35.99
C ALA C 128 -7.89 -3.89 -35.06
N LEU C 129 -6.71 -3.91 -34.43
CA LEU C 129 -6.39 -2.93 -33.38
C LEU C 129 -6.09 -1.59 -34.01
N SER C 130 -7.15 -0.86 -34.33
CA SER C 130 -7.10 0.51 -34.82
C SER C 130 -7.82 1.41 -33.82
N ASP C 131 -7.99 2.68 -34.18
CA ASP C 131 -8.64 3.65 -33.30
C ASP C 131 -9.87 4.23 -33.99
N PRO C 132 -11.08 3.77 -33.62
CA PRO C 132 -11.30 2.72 -32.62
C PRO C 132 -11.09 1.33 -33.18
N ARG C 133 -11.03 0.33 -32.30
CA ARG C 133 -10.86 -1.06 -32.73
C ARG C 133 -11.97 -1.46 -33.70
N THR C 134 -11.59 -2.14 -34.77
CA THR C 134 -12.54 -2.58 -35.79
C THR C 134 -12.99 -4.01 -35.49
N LYS C 135 -14.29 -4.20 -35.39
CA LYS C 135 -14.85 -5.52 -35.17
C LYS C 135 -14.81 -6.31 -36.48
N LEU C 136 -14.11 -7.44 -36.47
CA LEU C 136 -13.93 -8.27 -37.65
C LEU C 136 -14.92 -9.43 -37.64
N THR C 137 -15.47 -9.76 -38.80
CA THR C 137 -16.36 -10.89 -38.96
C THR C 137 -15.59 -12.00 -39.69
N VAL C 138 -15.27 -13.07 -38.95
CA VAL C 138 -14.45 -14.16 -39.46
C VAL C 138 -15.33 -15.37 -39.68
N ALA C 139 -15.41 -15.82 -40.93
CA ALA C 139 -16.22 -16.99 -41.26
C ALA C 139 -15.65 -18.25 -40.62
N ASN C 140 -14.41 -18.59 -40.98
CA ASN C 140 -13.73 -19.73 -40.40
C ASN C 140 -12.61 -19.25 -39.49
N PRO C 141 -12.67 -19.54 -38.19
CA PRO C 141 -11.59 -19.12 -37.29
C PRO C 141 -10.24 -19.61 -37.77
N PRO C 142 -9.30 -18.71 -38.04
CA PRO C 142 -8.01 -19.12 -38.57
C PRO C 142 -7.20 -19.87 -37.51
N GLN C 143 -6.70 -21.04 -37.88
CA GLN C 143 -5.73 -21.74 -37.06
C GLN C 143 -4.30 -21.28 -37.34
N ARG C 144 -4.06 -20.66 -38.49
CA ARG C 144 -2.75 -20.14 -38.87
C ARG C 144 -2.96 -18.86 -39.64
N VAL C 145 -2.35 -17.78 -39.17
CA VAL C 145 -2.49 -16.46 -39.78
C VAL C 145 -1.18 -16.08 -40.45
N GLY C 146 -1.29 -15.44 -41.61
CA GLY C 146 -0.14 -14.92 -42.33
C GLY C 146 -0.15 -13.41 -42.32
N VAL C 147 1.00 -12.83 -41.97
CA VAL C 147 1.18 -11.39 -41.93
C VAL C 147 1.96 -10.99 -43.17
N PHE C 148 1.38 -10.13 -44.01
CA PHE C 148 2.05 -9.60 -45.19
C PHE C 148 2.39 -8.15 -44.97
N LEU C 149 3.61 -7.76 -45.33
CA LEU C 149 4.08 -6.39 -45.18
C LEU C 149 4.64 -5.91 -46.51
N ASP C 150 4.19 -4.75 -46.97
CA ASP C 150 4.72 -4.08 -48.14
C ASP C 150 5.18 -2.69 -47.70
N TYR C 151 6.48 -2.55 -47.46
CA TYR C 151 7.00 -1.27 -46.97
C TYR C 151 6.84 -0.17 -48.01
N GLU C 152 6.87 -0.52 -49.30
CA GLU C 152 6.84 0.50 -50.34
C GLU C 152 5.45 1.09 -50.50
N THR C 153 4.41 0.25 -50.40
CA THR C 153 3.04 0.71 -50.52
C THR C 153 2.36 0.87 -49.16
N GLY C 154 3.10 0.70 -48.07
CA GLY C 154 2.54 0.88 -46.75
C GLY C 154 1.45 -0.11 -46.38
N GLU C 155 1.50 -1.32 -46.93
CA GLU C 155 0.47 -2.32 -46.70
C GLU C 155 0.83 -3.21 -45.53
N VAL C 156 -0.16 -3.48 -44.68
CA VAL C 156 -0.07 -4.48 -43.62
C VAL C 156 -1.33 -5.34 -43.73
N SER C 157 -1.16 -6.59 -44.16
CA SER C 157 -2.29 -7.44 -44.50
C SER C 157 -2.22 -8.74 -43.71
N PHE C 158 -3.39 -9.27 -43.38
CA PHE C 158 -3.51 -10.48 -42.60
C PHE C 158 -4.40 -11.47 -43.33
N TYR C 159 -3.96 -12.72 -43.40
CA TYR C 159 -4.64 -13.75 -44.17
C TYR C 159 -4.80 -15.01 -43.34
N ASN C 160 -5.74 -15.86 -43.76
CA ASN C 160 -5.86 -17.21 -43.21
C ASN C 160 -4.90 -18.10 -44.00
N ALA C 161 -3.79 -18.49 -43.37
CA ALA C 161 -2.73 -19.19 -44.08
C ALA C 161 -3.15 -20.57 -44.58
N MET C 162 -4.23 -21.14 -44.03
CA MET C 162 -4.63 -22.49 -44.44
C MET C 162 -5.30 -22.49 -45.81
N ASP C 163 -6.23 -21.56 -46.04
CA ASP C 163 -6.93 -21.48 -47.32
C ASP C 163 -6.61 -20.20 -48.08
N GLY C 164 -5.66 -19.39 -47.60
CA GLY C 164 -5.24 -18.20 -48.32
C GLY C 164 -6.24 -17.07 -48.35
N SER C 165 -7.30 -17.13 -47.54
CA SER C 165 -8.34 -16.11 -47.60
C SER C 165 -7.94 -14.87 -46.81
N HIS C 166 -8.26 -13.71 -47.36
CA HIS C 166 -7.93 -12.44 -46.73
C HIS C 166 -8.74 -12.23 -45.46
N ILE C 167 -8.13 -11.57 -44.48
CA ILE C 167 -8.77 -11.28 -43.20
C ILE C 167 -8.99 -9.78 -43.01
N TYR C 168 -7.91 -9.00 -43.05
CA TYR C 168 -8.00 -7.56 -42.85
C TYR C 168 -6.76 -6.89 -43.42
N THR C 169 -6.94 -5.66 -43.89
CA THR C 169 -5.84 -4.83 -44.36
C THR C 169 -5.98 -3.43 -43.76
N PHE C 170 -4.89 -2.92 -43.19
CA PHE C 170 -4.89 -1.59 -42.59
C PHE C 170 -4.84 -0.51 -43.66
N PRO C 171 -5.36 0.67 -43.37
CA PRO C 171 -5.19 1.81 -44.29
C PRO C 171 -3.71 2.08 -44.53
N HIS C 172 -3.33 2.11 -45.81
CA HIS C 172 -1.93 2.23 -46.17
C HIS C 172 -1.33 3.52 -45.65
N THR C 173 -0.10 3.43 -45.14
CA THR C 173 0.55 4.53 -44.45
C THR C 173 1.96 4.74 -44.97
N PHE C 174 2.53 5.89 -44.64
CA PHE C 174 3.92 6.20 -44.95
C PHE C 174 4.78 5.68 -43.81
N PHE C 175 5.51 4.60 -44.05
CA PHE C 175 6.29 3.95 -43.01
C PHE C 175 7.54 4.76 -42.71
N SER C 176 7.81 4.94 -41.41
CA SER C 176 8.97 5.69 -40.95
C SER C 176 9.77 4.82 -39.99
N GLY C 177 11.03 4.58 -40.30
CA GLY C 177 11.87 3.74 -39.49
C GLY C 177 11.66 2.27 -39.81
N PRO C 178 12.44 1.40 -39.18
CA PRO C 178 12.28 -0.03 -39.41
C PRO C 178 11.02 -0.57 -38.76
N LEU C 179 10.56 -1.71 -39.27
CA LEU C 179 9.37 -2.39 -38.77
C LEU C 179 9.75 -3.72 -38.16
N TRP C 180 9.08 -4.06 -37.05
CA TRP C 180 9.39 -5.27 -36.32
C TRP C 180 8.17 -6.17 -36.23
N PRO C 181 8.34 -7.48 -36.42
CA PRO C 181 7.24 -8.42 -36.11
C PRO C 181 6.99 -8.42 -34.61
N VAL C 182 5.75 -8.11 -34.23
CA VAL C 182 5.38 -7.98 -32.82
C VAL C 182 4.27 -8.98 -32.51
N PHE C 183 4.36 -9.60 -31.34
CA PHE C 183 3.41 -10.60 -30.90
C PHE C 183 2.96 -10.29 -29.48
N ARG C 184 1.66 -10.38 -29.23
CA ARG C 184 1.09 -10.02 -27.94
C ARG C 184 0.07 -11.07 -27.51
N ILE C 185 0.27 -11.61 -26.31
CA ILE C 185 -0.68 -12.53 -25.70
C ILE C 185 -0.92 -12.07 -24.27
N LEU C 186 -2.19 -12.11 -23.84
CA LEU C 186 -2.57 -11.65 -22.51
C LEU C 186 -3.00 -12.77 -21.58
N THR C 187 -3.28 -13.96 -22.10
CA THR C 187 -3.87 -15.04 -21.32
C THR C 187 -2.90 -16.20 -21.19
N LEU C 188 -3.03 -16.93 -20.08
CA LEU C 188 -2.31 -18.17 -19.86
C LEU C 188 -3.23 -19.33 -20.21
N GLU C 189 -2.80 -20.18 -21.14
CA GLU C 189 -3.62 -21.27 -21.63
C GLU C 189 -2.70 -22.33 -22.22
N PRO C 190 -3.21 -23.54 -22.47
CA PRO C 190 -2.32 -24.59 -22.98
C PRO C 190 -1.77 -24.32 -24.38
N THR C 191 -2.59 -23.81 -25.29
CA THR C 191 -2.13 -23.55 -26.64
C THR C 191 -1.20 -22.34 -26.66
N ALA C 192 -0.06 -22.49 -27.31
CA ALA C 192 0.96 -21.43 -27.38
C ALA C 192 0.95 -20.78 -28.76
N LEU C 193 1.41 -19.54 -28.79
CA LEU C 193 1.59 -18.81 -30.05
C LEU C 193 2.92 -19.24 -30.66
N THR C 194 2.86 -19.92 -31.80
CA THR C 194 4.03 -20.51 -32.43
C THR C 194 4.24 -19.91 -33.82
N ILE C 195 5.47 -19.57 -34.12
CA ILE C 195 5.84 -19.08 -35.45
C ILE C 195 6.24 -20.25 -36.32
N CYS C 196 5.71 -20.30 -37.54
CA CYS C 196 6.07 -21.39 -38.45
C CYS C 196 7.35 -21.03 -39.20
N PRO C 197 8.35 -21.91 -39.24
CA PRO C 197 9.60 -21.58 -39.92
C PRO C 197 9.40 -21.40 -41.42
N ALA C 198 10.31 -20.64 -42.02
CA ALA C 198 10.26 -20.36 -43.45
C ALA C 198 10.36 -21.62 -44.29
N LEU D 21 21.68 18.62 48.91
CA LEU D 21 22.54 17.47 48.67
C LEU D 21 22.59 17.15 47.19
N PHE D 22 21.72 17.83 46.43
CA PHE D 22 21.67 17.73 44.98
C PHE D 22 21.77 19.13 44.39
N GLN D 23 22.71 19.33 43.48
CA GLN D 23 22.90 20.64 42.88
C GLN D 23 21.71 21.00 42.00
N PRO D 24 21.12 22.18 42.17
CA PRO D 24 20.08 22.61 41.25
C PRO D 24 20.64 22.80 39.85
N ALA D 25 19.91 22.32 38.85
CA ALA D 25 20.33 22.37 37.47
C ALA D 25 19.47 23.34 36.67
N ASP D 26 20.11 24.12 35.81
CA ASP D 26 19.40 25.02 34.90
C ASP D 26 19.31 24.32 33.55
N VAL D 27 18.20 23.61 33.34
CA VAL D 27 18.01 22.80 32.15
C VAL D 27 17.24 23.62 31.11
N ILE D 28 17.69 23.53 29.85
CA ILE D 28 16.98 24.12 28.72
C ILE D 28 16.87 23.06 27.63
N LEU D 29 15.83 23.16 26.81
CA LEU D 29 15.61 22.19 25.75
C LEU D 29 16.47 22.52 24.54
N ASP D 30 17.10 21.50 23.95
CA ASP D 30 17.91 21.67 22.76
C ASP D 30 17.07 21.36 21.53
N PRO D 31 16.67 22.37 20.75
CA PRO D 31 15.82 22.08 19.58
C PRO D 31 16.44 21.13 18.59
N ASN D 32 17.78 21.10 18.48
CA ASN D 32 18.44 20.24 17.52
C ASN D 32 18.28 18.75 17.87
N THR D 33 17.86 18.44 19.10
CA THR D 33 17.53 17.06 19.47
C THR D 33 16.04 16.79 19.42
N ALA D 34 15.23 17.81 19.16
CA ALA D 34 13.78 17.67 19.25
C ALA D 34 13.23 16.85 18.09
N ASN D 35 12.30 15.95 18.42
CA ASN D 35 11.55 15.25 17.39
C ASN D 35 10.90 16.27 16.45
N PRO D 36 10.85 16.00 15.14
CA PRO D 36 10.28 16.99 14.22
C PRO D 36 8.85 17.39 14.54
N ILE D 37 8.16 16.66 15.41
CA ILE D 37 6.79 17.01 15.80
C ILE D 37 6.74 17.85 17.06
N LEU D 38 7.83 17.92 17.82
CA LEU D 38 7.85 18.66 19.07
C LEU D 38 8.16 20.13 18.84
N LEU D 39 7.51 20.99 19.61
CA LEU D 39 7.69 22.44 19.53
C LEU D 39 8.42 22.92 20.77
N VAL D 40 9.60 23.49 20.58
CA VAL D 40 10.40 24.04 21.68
C VAL D 40 10.11 25.53 21.79
N SER D 41 9.90 25.99 23.02
CA SER D 41 9.60 27.39 23.26
C SER D 41 10.80 28.28 22.90
N ASP D 42 10.54 29.58 22.83
CA ASP D 42 11.62 30.53 22.55
C ASP D 42 12.65 30.55 23.67
N ASP D 43 12.19 30.45 24.92
CA ASP D 43 13.09 30.36 26.06
C ASP D 43 13.65 28.97 26.26
N GLN D 44 13.28 28.01 25.40
CA GLN D 44 13.74 26.63 25.47
C GLN D 44 13.37 25.97 26.80
N ARG D 45 12.27 26.44 27.41
CA ARG D 45 11.77 25.90 28.67
C ARG D 45 10.50 25.08 28.50
N SER D 46 9.59 25.51 27.64
CA SER D 46 8.34 24.81 27.40
C SER D 46 8.45 23.88 26.20
N LEU D 47 7.66 22.82 26.23
CA LEU D 47 7.66 21.82 25.17
C LEU D 47 6.24 21.48 24.81
N GLN D 48 5.88 21.67 23.54
CA GLN D 48 4.56 21.32 23.04
C GLN D 48 4.70 20.34 21.87
N ARG D 49 3.58 20.03 21.25
CA ARG D 49 3.54 19.16 20.09
C ARG D 49 2.72 19.82 18.99
N ALA D 50 3.07 19.52 17.74
CA ALA D 50 2.37 20.05 16.59
C ALA D 50 1.38 19.02 16.04
N ASP D 51 0.60 19.45 15.04
CA ASP D 51 -0.32 18.54 14.39
C ASP D 51 0.42 17.45 13.62
N GLU D 52 1.50 17.82 12.95
CA GLU D 52 2.26 16.89 12.13
C GLU D 52 3.75 17.23 12.24
N ARG D 53 4.58 16.30 11.78
CA ARG D 53 6.03 16.50 11.81
C ARG D 53 6.41 17.68 10.93
N GLN D 54 7.35 18.48 11.42
CA GLN D 54 7.85 19.63 10.67
C GLN D 54 9.02 19.21 9.78
N ASN D 55 9.18 19.94 8.68
CA ASN D 55 10.26 19.68 7.73
C ASN D 55 11.55 20.25 8.30
N LEU D 56 12.33 19.41 8.96
CA LEU D 56 13.59 19.79 9.57
C LEU D 56 14.67 18.83 9.12
N PRO D 57 15.93 19.26 9.14
CA PRO D 57 17.03 18.34 8.80
C PRO D 57 17.09 17.18 9.79
N ASP D 58 17.59 16.05 9.30
CA ASP D 58 17.72 14.86 10.13
C ASP D 58 19.16 14.69 10.62
N ASN D 59 19.63 15.71 11.33
CA ASN D 59 20.96 15.66 11.91
C ASN D 59 21.08 14.47 12.86
N PRO D 60 22.26 13.88 12.99
CA PRO D 60 22.38 12.63 13.77
C PRO D 60 22.00 12.79 15.24
N GLU D 61 21.93 14.01 15.76
CA GLU D 61 21.59 14.23 17.15
C GLU D 61 20.08 14.27 17.38
N ARG D 62 19.30 14.53 16.35
CA ARG D 62 17.86 14.68 16.48
C ARG D 62 17.18 13.33 16.66
N PHE D 63 16.16 13.30 17.52
CA PHE D 63 15.31 12.13 17.65
C PHE D 63 14.33 12.07 16.48
N ASP D 64 14.30 10.93 15.80
CA ASP D 64 13.46 10.73 14.62
C ASP D 64 12.21 9.92 14.89
N TRP D 65 12.32 8.84 15.66
CA TRP D 65 11.16 8.00 15.96
C TRP D 65 10.46 8.43 17.25
N HIS D 66 11.20 8.43 18.36
CA HIS D 66 10.62 8.78 19.64
C HIS D 66 10.35 10.28 19.71
N TYR D 67 9.27 10.64 20.40
CA TYR D 67 8.88 12.05 20.55
C TYR D 67 9.67 12.69 21.69
N CYS D 68 11.00 12.63 21.56
CA CYS D 68 11.90 12.99 22.64
C CYS D 68 12.76 14.20 22.27
N VAL D 69 13.09 15.00 23.28
CA VAL D 69 14.06 16.07 23.16
C VAL D 69 14.94 16.04 24.40
N LEU D 70 16.20 16.42 24.22
CA LEU D 70 17.17 16.43 25.30
C LEU D 70 17.35 17.84 25.86
N GLY D 71 18.15 17.95 26.91
CA GLY D 71 18.64 19.22 27.38
C GLY D 71 19.80 19.72 26.53
N CYS D 72 20.27 20.92 26.86
CA CYS D 72 21.42 21.47 26.18
C CYS D 72 22.74 21.11 26.87
N LYS D 73 22.70 20.74 28.15
CA LYS D 73 23.89 20.44 28.92
C LYS D 73 23.77 19.06 29.55
N SER D 74 24.88 18.34 29.59
CA SER D 74 24.91 16.96 30.07
C SER D 74 25.50 16.91 31.48
N PHE D 75 25.51 15.71 32.06
CA PHE D 75 26.05 15.47 33.39
C PHE D 75 26.97 14.26 33.36
N THR D 76 28.27 14.51 33.50
CA THR D 76 29.25 13.43 33.47
C THR D 76 29.56 12.86 34.86
N SER D 77 29.23 13.60 35.91
CA SER D 77 29.37 13.15 37.29
C SER D 77 28.69 14.16 38.20
N GLY D 78 28.41 13.72 39.42
CA GLY D 78 27.90 14.58 40.47
C GLY D 78 26.50 14.19 40.91
N ARG D 79 25.85 15.12 41.59
CA ARG D 79 24.50 14.98 42.10
C ARG D 79 23.69 16.19 41.65
N HIS D 80 22.76 15.99 40.73
CA HIS D 80 21.99 17.10 40.18
C HIS D 80 20.49 16.81 40.30
N TYR D 81 19.72 17.88 40.27
CA TYR D 81 18.26 17.77 40.32
C TYR D 81 17.65 18.94 39.56
N TRP D 82 16.53 18.65 38.90
CA TRP D 82 15.72 19.68 38.25
C TRP D 82 14.25 19.31 38.41
N GLU D 83 13.39 20.32 38.32
CA GLU D 83 11.96 20.14 38.54
C GLU D 83 11.20 20.46 37.28
N VAL D 84 10.26 19.59 36.91
CA VAL D 84 9.50 19.67 35.68
C VAL D 84 8.06 20.03 36.01
N GLU D 85 7.52 21.04 35.33
CA GLU D 85 6.15 21.50 35.54
C GLU D 85 5.23 20.70 34.62
N VAL D 86 4.69 19.59 35.13
CA VAL D 86 3.85 18.74 34.30
C VAL D 86 2.41 19.24 34.27
N GLY D 87 1.94 19.84 35.37
CA GLY D 87 0.63 20.47 35.37
C GLY D 87 -0.50 19.49 35.12
N ASP D 88 -1.46 19.92 34.29
CA ASP D 88 -2.65 19.14 33.96
C ASP D 88 -2.42 18.11 32.87
N ARG D 89 -1.20 18.03 32.33
CA ARG D 89 -0.93 17.14 31.20
C ARG D 89 -1.36 15.71 31.51
N LYS D 90 -2.18 15.15 30.62
CA LYS D 90 -2.66 13.78 30.76
C LYS D 90 -1.69 12.75 30.18
N GLU D 91 -0.58 13.21 29.61
CA GLU D 91 0.47 12.30 29.14
C GLU D 91 1.79 13.06 29.13
N TRP D 92 2.81 12.48 29.76
CA TRP D 92 4.15 13.03 29.79
C TRP D 92 5.09 11.98 30.36
N HIS D 93 6.35 12.04 29.93
CA HIS D 93 7.37 11.14 30.45
C HIS D 93 8.70 11.87 30.46
N ILE D 94 9.38 11.82 31.61
CA ILE D 94 10.61 12.57 31.83
C ILE D 94 11.64 11.65 32.46
N GLY D 95 12.90 12.09 32.44
CA GLY D 95 13.97 11.32 33.04
C GLY D 95 15.34 11.68 32.47
N VAL D 96 16.19 10.67 32.32
CA VAL D 96 17.53 10.85 31.74
C VAL D 96 17.82 9.68 30.82
N CYS D 97 18.81 9.88 29.95
CA CYS D 97 19.22 8.85 29.01
C CYS D 97 20.71 8.99 28.70
N GLN D 98 21.33 7.86 28.38
CA GLN D 98 22.73 7.89 27.95
C GLN D 98 22.85 8.59 26.60
N GLU D 99 24.03 9.16 26.36
CA GLU D 99 24.26 9.84 25.08
C GLU D 99 24.27 8.85 23.91
N ASN D 100 24.64 7.60 24.18
CA ASN D 100 24.76 6.57 23.15
C ASN D 100 23.46 5.82 22.90
N VAL D 101 22.32 6.51 22.98
CA VAL D 101 21.04 5.87 22.69
C VAL D 101 20.71 6.06 21.22
N GLU D 102 19.82 5.21 20.71
CA GLU D 102 19.37 5.29 19.33
C GLU D 102 18.22 6.28 19.23
N ARG D 103 18.36 7.25 18.33
CA ARG D 103 17.38 8.33 18.19
C ARG D 103 16.70 8.35 16.83
N LYS D 104 16.99 7.40 15.94
CA LYS D 104 16.45 7.41 14.60
C LYS D 104 15.46 6.29 14.31
N CYS D 105 15.31 5.33 15.21
CA CYS D 105 14.29 4.28 15.10
C CYS D 105 13.79 3.97 16.51
N TRP D 106 12.87 3.01 16.62
CA TRP D 106 12.25 2.72 17.90
C TRP D 106 13.16 1.87 18.78
N VAL D 107 13.33 2.31 20.02
CA VAL D 107 13.96 1.51 21.07
C VAL D 107 13.01 1.50 22.26
N LYS D 108 12.95 0.38 22.96
CA LYS D 108 12.18 0.34 24.20
C LYS D 108 12.90 1.16 25.25
N MET D 109 12.30 2.28 25.66
CA MET D 109 12.89 3.15 26.67
C MET D 109 13.01 2.40 27.99
N THR D 110 14.19 1.88 28.27
CA THR D 110 14.45 0.95 29.36
C THR D 110 15.85 1.21 29.88
N PRO D 111 16.10 1.03 31.18
CA PRO D 111 17.48 1.10 31.68
C PRO D 111 18.46 0.24 30.89
N GLU D 112 18.02 -0.92 30.39
CA GLU D 112 18.90 -1.75 29.58
C GLU D 112 19.28 -1.06 28.26
N ASN D 113 18.40 -0.21 27.75
CA ASN D 113 18.66 0.56 26.54
C ASN D 113 19.08 2.00 26.84
N GLY D 114 19.47 2.27 28.08
CA GLY D 114 19.96 3.60 28.44
C GLY D 114 18.90 4.64 28.64
N PHE D 115 17.77 4.28 29.25
CA PHE D 115 16.67 5.21 29.50
C PHE D 115 16.19 5.02 30.93
N TRP D 116 16.24 6.08 31.73
CA TRP D 116 15.73 6.06 33.10
C TRP D 116 14.63 7.12 33.17
N THR D 117 13.38 6.68 33.01
CA THR D 117 12.26 7.59 32.82
C THR D 117 11.04 7.11 33.58
N VAL D 118 10.29 8.06 34.14
CA VAL D 118 8.95 7.81 34.65
C VAL D 118 8.02 8.80 33.97
N GLY D 119 6.72 8.58 34.15
CA GLY D 119 5.76 9.50 33.56
C GLY D 119 4.34 9.00 33.73
N LEU D 120 3.44 9.65 32.99
CA LEU D 120 2.01 9.39 33.04
C LEU D 120 1.48 9.15 31.64
N THR D 121 0.55 8.20 31.53
CA THR D 121 -0.18 7.96 30.29
C THR D 121 -1.66 7.84 30.63
N ASP D 122 -2.50 8.25 29.67
CA ASP D 122 -3.95 8.21 29.77
C ASP D 122 -4.51 9.08 30.90
N GLY D 123 -3.70 9.96 31.48
CA GLY D 123 -4.13 10.84 32.54
C GLY D 123 -4.19 10.23 33.92
N SER D 124 -4.28 8.90 34.03
CA SER D 124 -4.38 8.23 35.31
C SER D 124 -3.34 7.15 35.54
N LYS D 125 -2.72 6.61 34.50
CA LYS D 125 -1.78 5.51 34.64
C LYS D 125 -0.37 6.06 34.79
N TYR D 126 0.12 6.07 36.04
CA TYR D 126 1.50 6.46 36.32
C TYR D 126 2.38 5.21 36.27
N ARG D 127 3.45 5.29 35.47
CA ARG D 127 4.32 4.14 35.26
C ARG D 127 5.77 4.57 35.32
N ALA D 128 6.62 3.63 35.70
CA ALA D 128 8.07 3.77 35.58
C ALA D 128 8.51 3.04 34.32
N LEU D 129 9.09 3.78 33.38
CA LEU D 129 9.49 3.17 32.12
C LEU D 129 10.68 2.25 32.31
N SER D 130 10.44 1.09 32.92
CA SER D 130 11.38 0.00 33.06
C SER D 130 10.82 -1.21 32.31
N ASP D 131 11.56 -2.30 32.34
CA ASP D 131 11.12 -3.55 31.71
C ASP D 131 11.06 -4.65 32.76
N PRO D 132 9.87 -5.12 33.15
CA PRO D 132 8.58 -4.61 32.67
C PRO D 132 8.22 -3.26 33.28
N ARG D 133 7.30 -2.54 32.63
CA ARG D 133 6.87 -1.25 33.15
C ARG D 133 6.24 -1.42 34.52
N THR D 134 6.84 -0.76 35.52
CA THR D 134 6.31 -0.82 36.88
C THR D 134 5.16 0.18 37.01
N LYS D 135 3.99 -0.32 37.39
CA LYS D 135 2.81 0.52 37.55
C LYS D 135 2.89 1.23 38.89
N LEU D 136 3.05 2.55 38.87
CA LEU D 136 3.11 3.34 40.08
C LEU D 136 1.71 3.64 40.59
N THR D 137 1.54 3.65 41.91
CA THR D 137 0.28 4.02 42.54
C THR D 137 0.51 5.36 43.25
N VAL D 138 0.32 6.44 42.50
CA VAL D 138 0.55 7.79 43.01
C VAL D 138 -0.71 8.26 43.72
N ALA D 139 -0.57 8.62 45.00
CA ALA D 139 -1.73 9.01 45.79
C ALA D 139 -2.36 10.29 45.25
N ASN D 140 -1.54 11.31 45.01
CA ASN D 140 -2.03 12.59 44.50
C ASN D 140 -1.27 12.93 43.22
N PRO D 141 -1.96 13.08 42.08
CA PRO D 141 -1.27 13.34 40.81
C PRO D 141 -0.40 14.58 40.91
N PRO D 142 0.89 14.44 40.66
CA PRO D 142 1.79 15.59 40.80
C PRO D 142 1.56 16.62 39.71
N GLN D 143 1.59 17.89 40.11
CA GLN D 143 1.57 18.99 39.16
C GLN D 143 2.98 19.48 38.81
N ARG D 144 3.98 19.11 39.60
CA ARG D 144 5.36 19.47 39.34
C ARG D 144 6.25 18.37 39.89
N VAL D 145 6.98 17.70 39.00
CA VAL D 145 7.78 16.54 39.36
C VAL D 145 9.25 16.95 39.43
N GLY D 146 9.97 16.37 40.38
CA GLY D 146 11.38 16.67 40.55
C GLY D 146 12.27 15.50 40.22
N VAL D 147 13.16 15.67 39.25
CA VAL D 147 14.07 14.62 38.81
C VAL D 147 15.39 14.76 39.56
N PHE D 148 15.82 13.68 40.20
CA PHE D 148 17.06 13.68 40.98
C PHE D 148 18.02 12.66 40.41
N LEU D 149 19.25 13.09 40.14
CA LEU D 149 20.29 12.23 39.60
C LEU D 149 21.44 12.12 40.58
N ASP D 150 22.08 10.95 40.61
CA ASP D 150 23.28 10.72 41.41
C ASP D 150 24.16 9.76 40.62
N TYR D 151 25.13 10.32 39.89
CA TYR D 151 25.93 9.54 38.95
C TYR D 151 26.70 8.44 39.66
N GLU D 152 27.59 8.81 40.59
CA GLU D 152 28.49 7.84 41.18
C GLU D 152 27.75 6.76 41.97
N THR D 153 26.57 7.07 42.49
CA THR D 153 25.80 6.05 43.20
C THR D 153 24.89 5.25 42.27
N GLY D 154 24.57 5.78 41.09
CA GLY D 154 23.65 5.10 40.20
C GLY D 154 22.20 5.16 40.64
N GLU D 155 21.77 6.32 41.15
CA GLU D 155 20.41 6.50 41.64
C GLU D 155 19.67 7.51 40.78
N VAL D 156 18.49 7.12 40.32
CA VAL D 156 17.56 8.01 39.62
C VAL D 156 16.23 7.94 40.33
N SER D 157 15.79 9.07 40.89
CA SER D 157 14.58 9.12 41.70
C SER D 157 13.73 10.31 41.28
N PHE D 158 12.42 10.16 41.41
CA PHE D 158 11.47 11.19 41.04
C PHE D 158 10.54 11.45 42.22
N TYR D 159 10.36 12.72 42.56
CA TYR D 159 9.55 13.11 43.70
C TYR D 159 8.49 14.11 43.26
N ASN D 160 7.50 14.30 44.13
CA ASN D 160 6.50 15.34 43.95
C ASN D 160 7.07 16.64 44.50
N ALA D 161 7.47 17.55 43.62
CA ALA D 161 8.19 18.75 44.04
C ALA D 161 7.36 19.63 44.96
N MET D 162 6.04 19.44 45.02
CA MET D 162 5.18 20.26 45.86
C MET D 162 5.10 19.73 47.29
N ASP D 163 4.70 18.46 47.45
CA ASP D 163 4.51 17.87 48.77
C ASP D 163 5.53 16.78 49.08
N GLY D 164 6.61 16.70 48.30
CA GLY D 164 7.72 15.83 48.63
C GLY D 164 7.46 14.34 48.53
N SER D 165 6.34 13.92 47.94
CA SER D 165 6.04 12.50 47.84
C SER D 165 7.06 11.81 46.93
N HIS D 166 7.64 10.72 47.43
CA HIS D 166 8.49 9.89 46.59
C HIS D 166 7.62 9.11 45.61
N ILE D 167 7.87 9.28 44.31
CA ILE D 167 7.06 8.66 43.28
C ILE D 167 7.64 7.30 42.91
N TYR D 168 8.90 7.27 42.51
CA TYR D 168 9.59 6.04 42.14
C TYR D 168 11.08 6.32 42.03
N THR D 169 11.88 5.28 42.25
CA THR D 169 13.32 5.36 42.03
C THR D 169 13.82 4.07 41.41
N PHE D 170 14.74 4.21 40.44
CA PHE D 170 15.24 3.07 39.71
C PHE D 170 16.32 2.34 40.52
N PRO D 171 16.46 1.03 40.33
CA PRO D 171 17.53 0.30 40.99
C PRO D 171 18.90 0.83 40.60
N HIS D 172 19.88 0.55 41.46
CA HIS D 172 21.23 1.05 41.25
C HIS D 172 21.83 0.46 39.98
N THR D 173 22.39 1.33 39.14
CA THR D 173 23.02 0.90 37.89
C THR D 173 24.28 1.71 37.66
N PHE D 174 25.31 1.06 37.13
CA PHE D 174 26.59 1.72 36.85
C PHE D 174 26.47 2.48 35.54
N PHE D 175 26.47 3.80 35.63
CA PHE D 175 26.26 4.64 34.46
C PHE D 175 27.51 4.67 33.58
N SER D 176 27.27 4.75 32.27
CA SER D 176 28.33 4.79 31.27
C SER D 176 28.18 6.05 30.44
N GLY D 177 29.29 6.77 30.26
CA GLY D 177 29.30 7.97 29.46
C GLY D 177 28.47 9.09 30.07
N PRO D 178 28.19 10.13 29.29
CA PRO D 178 27.40 11.25 29.81
C PRO D 178 25.93 10.87 29.95
N LEU D 179 25.18 11.77 30.60
CA LEU D 179 23.74 11.63 30.78
C LEU D 179 23.06 12.92 30.36
N TRP D 180 21.88 12.78 29.76
CA TRP D 180 21.13 13.92 29.28
C TRP D 180 19.70 13.86 29.80
N PRO D 181 19.15 14.98 30.28
CA PRO D 181 17.72 15.01 30.60
C PRO D 181 16.88 14.86 29.35
N VAL D 182 15.96 13.90 29.37
CA VAL D 182 15.13 13.56 28.22
C VAL D 182 13.67 13.82 28.57
N PHE D 183 12.93 14.37 27.62
CA PHE D 183 11.52 14.71 27.79
C PHE D 183 10.74 14.17 26.61
N ARG D 184 9.63 13.49 26.89
CA ARG D 184 8.83 12.84 25.87
C ARG D 184 7.35 13.12 26.11
N ILE D 185 6.69 13.70 25.11
CA ILE D 185 5.25 13.91 25.13
C ILE D 185 4.67 13.36 23.84
N LEU D 186 3.51 12.70 23.95
CA LEU D 186 2.87 12.08 22.80
C LEU D 186 1.58 12.76 22.37
N THR D 187 0.93 13.51 23.25
CA THR D 187 -0.39 14.06 22.98
C THR D 187 -0.31 15.52 22.59
N LEU D 188 -1.38 16.00 21.96
CA LEU D 188 -1.55 17.39 21.58
C LEU D 188 -2.65 17.96 22.48
N GLU D 189 -2.27 18.42 23.65
CA GLU D 189 -3.18 19.01 24.62
C GLU D 189 -2.77 20.46 24.89
N PRO D 190 -3.68 21.29 25.41
CA PRO D 190 -3.35 22.70 25.64
C PRO D 190 -2.16 22.92 26.58
N THR D 191 -2.24 22.38 27.79
CA THR D 191 -1.18 22.60 28.76
C THR D 191 0.13 22.01 28.27
N ALA D 192 1.20 22.79 28.34
CA ALA D 192 2.50 22.41 27.83
C ALA D 192 3.37 21.81 28.94
N LEU D 193 4.49 21.22 28.53
CA LEU D 193 5.47 20.65 29.44
C LEU D 193 6.59 21.67 29.60
N THR D 194 6.64 22.33 30.75
CA THR D 194 7.59 23.40 31.01
C THR D 194 8.61 22.98 32.06
N ILE D 195 9.86 23.41 31.87
CA ILE D 195 10.93 23.14 32.84
C ILE D 195 11.03 24.32 33.79
N CYS D 196 11.09 24.02 35.08
CA CYS D 196 11.18 25.08 36.08
C CYS D 196 12.61 25.62 36.15
N PRO D 197 12.80 26.93 36.08
CA PRO D 197 14.16 27.49 36.18
C PRO D 197 14.76 27.26 37.55
N ALA D 198 16.09 27.27 37.60
CA ALA D 198 16.80 27.06 38.85
C ALA D 198 17.43 28.35 39.36
#